data_6KN0
#
_entry.id   6KN0
#
_cell.length_a   141.039
_cell.length_b   94.894
_cell.length_c   76.081
_cell.angle_alpha   90.00
_cell.angle_beta   116.43
_cell.angle_gamma   90.00
#
_symmetry.space_group_name_H-M   'C 1 2 1'
#
loop_
_entity.id
_entity.type
_entity.pdbx_description
1 polymer Caspase-1
2 polymer Caspase-1
3 polymer Gasdermin-D
#
loop_
_entity_poly.entity_id
_entity_poly.type
_entity_poly.pdbx_seq_one_letter_code
_entity_poly.pdbx_strand_id
1 'polypeptide(L)'
;GNVKLCSLEEAQRIWKQKSAEIYPIMDKSSRTRLALIICNEEFDSIPRRTGAEVDITGMTMLLQNLGYSVDVKKNLTASD
MTTELEAFAHRPEHKTSDSTFLVFMSHGIREGICGKKHSEQVPDILQLNAIFNMLNTKNCPSLKDKPKVIIIQAARGDSP
GVVWFKD
;
A,C
2 'polypeptide(L)'
;AIKKAHIEKDFIAFCSSTPDNVSWRHPTMGSVFIGRLIEHMQEYACSCDVEEIFRKVRFSFEQPDGRAQMPTTERVTLTR
CFYLFPGH
;
B,D
3 'polypeptide(L)'
;FTEDFQGLRAEVETISKELELLDRELCQLLLEGLEGVLRDQLALRALEEALEQGQSLGPVEPLDGPAGAVLECLVLSSGM
LVPELAIPVVYLLGALTMLSETQHKLLAEALESQTLLGPLELVGSLLEQSAPWQERSTMSLPPGLLGNSWGEGAPAWVLL
DECGLELGEDTPHVCWEPQAQGRMCALYASLALLSGLS
;
E,F
#
# COMPACT_ATOMS: atom_id res chain seq x y z
N GLY A 1 -23.65 2.32 -25.66
CA GLY A 1 -24.02 3.47 -26.45
C GLY A 1 -22.81 4.29 -26.90
N ASN A 2 -22.35 5.17 -26.01
CA ASN A 2 -21.14 5.95 -26.29
C ASN A 2 -19.91 5.07 -26.40
N VAL A 3 -19.92 3.90 -25.77
CA VAL A 3 -18.81 2.97 -25.92
C VAL A 3 -18.84 2.37 -27.31
N LYS A 4 -17.73 2.48 -28.04
CA LYS A 4 -17.62 1.88 -29.37
C LYS A 4 -17.66 0.37 -29.22
N LEU A 5 -18.83 -0.22 -29.46
CA LEU A 5 -19.04 -1.63 -29.17
C LEU A 5 -18.12 -2.50 -30.03
N CYS A 6 -17.77 -3.66 -29.48
CA CYS A 6 -16.85 -4.57 -30.14
C CYS A 6 -17.55 -5.35 -31.24
N SER A 7 -17.00 -5.31 -32.45
CA SER A 7 -17.56 -6.08 -33.56
C SER A 7 -17.38 -7.56 -33.31
N LEU A 8 -18.38 -8.35 -33.72
CA LEU A 8 -18.27 -9.80 -33.58
C LEU A 8 -17.12 -10.37 -34.39
N GLU A 9 -16.68 -9.67 -35.43
CA GLU A 9 -15.49 -10.07 -36.15
C GLU A 9 -14.25 -9.92 -35.28
N GLU A 10 -14.18 -8.82 -34.52
CA GLU A 10 -13.04 -8.60 -33.64
C GLU A 10 -13.16 -9.34 -32.31
N ALA A 11 -14.38 -9.49 -31.80
CA ALA A 11 -14.58 -10.26 -30.58
C ALA A 11 -14.16 -11.71 -30.78
N GLN A 12 -14.46 -12.27 -31.96
CA GLN A 12 -13.98 -13.60 -32.31
C GLN A 12 -12.47 -13.63 -32.49
N ARG A 13 -11.89 -12.53 -32.98
CA ARG A 13 -10.45 -12.49 -33.24
C ARG A 13 -9.65 -12.50 -31.95
N ILE A 14 -10.12 -11.79 -30.93
CA ILE A 14 -9.37 -11.70 -29.68
C ILE A 14 -9.48 -13.00 -28.88
N TRP A 15 -10.68 -13.58 -28.84
CA TRP A 15 -10.86 -14.86 -28.15
C TRP A 15 -10.11 -15.99 -28.85
N LYS A 16 -9.88 -15.86 -30.15
CA LYS A 16 -9.14 -16.87 -30.90
C LYS A 16 -7.65 -16.78 -30.64
N GLN A 17 -7.14 -15.59 -30.34
CA GLN A 17 -5.70 -15.38 -30.18
C GLN A 17 -5.18 -15.94 -28.86
N LYS A 18 -5.94 -15.76 -27.78
CA LYS A 18 -5.52 -16.19 -26.45
C LYS A 18 -6.79 -16.57 -25.65
N SER A 19 -7.33 -17.75 -25.98
CA SER A 19 -8.59 -18.17 -25.35
C SER A 19 -8.39 -18.55 -23.89
N ALA A 20 -7.30 -19.25 -23.58
CA ALA A 20 -7.06 -19.74 -22.23
C ALA A 20 -6.56 -18.67 -21.27
N GLU A 21 -6.41 -17.43 -21.72
CA GLU A 21 -5.93 -16.35 -20.87
C GLU A 21 -6.90 -15.17 -20.81
N ILE A 22 -8.18 -15.41 -21.05
CA ILE A 22 -9.22 -14.38 -20.99
C ILE A 22 -10.28 -14.83 -20.00
N TYR A 23 -10.74 -13.91 -19.16
CA TYR A 23 -11.83 -14.22 -18.25
C TYR A 23 -13.10 -14.53 -19.04
N PRO A 24 -13.78 -15.65 -18.76
CA PRO A 24 -14.96 -16.01 -19.56
C PRO A 24 -16.10 -15.02 -19.35
N ILE A 25 -16.67 -14.55 -20.45
CA ILE A 25 -17.80 -13.64 -20.44
C ILE A 25 -19.08 -14.44 -20.59
N MET A 26 -20.03 -14.22 -19.68
CA MET A 26 -21.30 -14.92 -19.74
C MET A 26 -22.20 -14.31 -20.81
N ASP A 27 -23.25 -15.04 -21.16
CA ASP A 27 -24.16 -14.59 -22.21
C ASP A 27 -25.02 -13.43 -21.70
N LYS A 28 -25.24 -12.45 -22.58
CA LYS A 28 -26.03 -11.28 -22.22
C LYS A 28 -27.47 -11.63 -21.90
N SER A 29 -27.99 -12.73 -22.44
CA SER A 29 -29.38 -13.11 -22.23
C SER A 29 -29.66 -13.60 -20.81
N SER A 30 -28.64 -13.92 -20.03
CA SER A 30 -28.86 -14.46 -18.69
C SER A 30 -27.91 -13.91 -17.63
N ARG A 31 -26.94 -13.07 -17.99
CA ARG A 31 -26.03 -12.54 -16.99
C ARG A 31 -26.66 -11.36 -16.25
N THR A 32 -26.29 -11.23 -14.96
CA THR A 32 -26.82 -10.19 -14.08
C THR A 32 -25.63 -9.49 -13.42
N ARG A 33 -24.95 -8.65 -14.19
CA ARG A 33 -23.79 -7.93 -13.68
C ARG A 33 -24.22 -6.87 -12.68
N LEU A 34 -23.29 -6.52 -11.78
CA LEU A 34 -23.54 -5.52 -10.76
C LEU A 34 -22.37 -4.54 -10.68
N ALA A 35 -22.70 -3.29 -10.38
CA ALA A 35 -21.71 -2.24 -10.18
C ALA A 35 -22.16 -1.36 -9.03
N LEU A 36 -21.22 -1.01 -8.16
CA LEU A 36 -21.50 -0.19 -6.98
C LEU A 36 -20.66 1.07 -7.04
N ILE A 37 -21.31 2.22 -6.80
CA ILE A 37 -20.65 3.52 -6.76
C ILE A 37 -20.95 4.15 -5.41
N ILE A 38 -19.90 4.49 -4.67
CA ILE A 38 -20.02 5.15 -3.38
C ILE A 38 -19.33 6.51 -3.51
N CYS A 39 -20.10 7.58 -3.43
CA CYS A 39 -19.58 8.93 -3.58
C CYS A 39 -20.04 9.80 -2.42
N ASN A 40 -19.08 10.37 -1.69
CA ASN A 40 -19.35 11.30 -0.61
C ASN A 40 -19.13 12.71 -1.12
N GLU A 41 -20.17 13.53 -1.13
CA GLU A 41 -20.07 14.89 -1.64
C GLU A 41 -19.84 15.89 -0.50
N GLU A 42 -20.87 16.15 0.29
CA GLU A 42 -20.79 17.12 1.37
C GLU A 42 -20.32 16.44 2.66
N PHE A 43 -19.56 17.18 3.45
CA PHE A 43 -18.98 16.67 4.68
C PHE A 43 -19.35 17.59 5.84
N ASP A 44 -19.21 17.05 7.06
CA ASP A 44 -19.58 17.80 8.25
C ASP A 44 -18.47 18.72 8.76
N SER A 45 -17.22 18.45 8.38
CA SER A 45 -16.10 19.28 8.82
C SER A 45 -15.02 19.40 7.75
N ILE A 46 -15.37 19.16 6.48
CA ILE A 46 -14.41 19.19 5.38
C ILE A 46 -15.08 19.78 4.16
N PRO A 47 -14.31 20.53 3.35
CA PRO A 47 -14.90 21.23 2.20
C PRO A 47 -15.66 20.29 1.26
N ARG A 48 -16.80 20.77 0.78
CA ARG A 48 -17.70 19.95 -0.02
C ARG A 48 -17.14 19.74 -1.42
N ARG A 49 -17.31 18.52 -1.93
CA ARG A 49 -16.91 18.16 -3.29
C ARG A 49 -17.89 18.79 -4.28
N THR A 50 -17.65 20.06 -4.60
CA THR A 50 -18.50 20.76 -5.54
C THR A 50 -18.25 20.23 -6.94
N GLY A 51 -19.30 19.70 -7.57
CA GLY A 51 -19.19 19.14 -8.90
C GLY A 51 -18.99 17.64 -8.94
N ALA A 52 -19.15 16.94 -7.83
CA ALA A 52 -19.02 15.49 -7.80
C ALA A 52 -20.22 14.77 -8.41
N GLU A 53 -21.24 15.51 -8.85
CA GLU A 53 -22.40 14.88 -9.47
C GLU A 53 -22.16 14.51 -10.92
N VAL A 54 -21.36 15.31 -11.63
CA VAL A 54 -21.02 14.98 -13.02
C VAL A 54 -20.21 13.69 -13.08
N ASP A 55 -19.41 13.43 -12.05
CA ASP A 55 -18.65 12.19 -12.00
C ASP A 55 -19.55 10.99 -11.73
N ILE A 56 -20.62 11.18 -10.97
CA ILE A 56 -21.57 10.08 -10.73
C ILE A 56 -22.32 9.76 -12.01
N THR A 57 -22.77 10.78 -12.73
CA THR A 57 -23.50 10.55 -13.98
C THR A 57 -22.61 9.92 -15.04
N GLY A 58 -21.35 10.37 -15.13
CA GLY A 58 -20.46 9.84 -16.14
C GLY A 58 -20.12 8.38 -15.93
N MET A 59 -19.78 8.01 -14.69
CA MET A 59 -19.41 6.63 -14.41
C MET A 59 -20.63 5.70 -14.47
N THR A 60 -21.78 6.19 -14.00
CA THR A 60 -22.99 5.37 -14.06
C THR A 60 -23.39 5.08 -15.50
N MET A 61 -23.29 6.08 -16.38
CA MET A 61 -23.60 5.86 -17.79
C MET A 61 -22.60 4.92 -18.43
N LEU A 62 -21.32 5.03 -18.05
CA LEU A 62 -20.30 4.15 -18.61
C LEU A 62 -20.53 2.70 -18.20
N LEU A 63 -20.84 2.47 -16.92
CA LEU A 63 -21.04 1.11 -16.45
C LEU A 63 -22.34 0.52 -16.98
N GLN A 64 -23.37 1.35 -17.20
CA GLN A 64 -24.61 0.86 -17.79
C GLN A 64 -24.44 0.51 -19.25
N ASN A 65 -23.60 1.25 -19.98
CA ASN A 65 -23.35 0.95 -21.38
C ASN A 65 -22.49 -0.30 -21.55
N LEU A 66 -21.83 -0.75 -20.49
CA LEU A 66 -21.07 -1.99 -20.53
C LEU A 66 -21.87 -3.20 -20.06
N GLY A 67 -23.09 -2.99 -19.58
CA GLY A 67 -23.95 -4.06 -19.14
C GLY A 67 -23.99 -4.29 -17.64
N TYR A 68 -23.89 -3.24 -16.83
CA TYR A 68 -23.88 -3.36 -15.38
C TYR A 68 -25.06 -2.60 -14.79
N SER A 69 -25.66 -3.18 -13.76
CA SER A 69 -26.69 -2.50 -12.97
C SER A 69 -26.00 -1.70 -11.87
N VAL A 70 -26.10 -0.38 -11.94
CA VAL A 70 -25.34 0.51 -11.07
C VAL A 70 -26.16 0.86 -9.84
N ASP A 71 -25.57 0.67 -8.67
CA ASP A 71 -26.15 1.09 -7.40
C ASP A 71 -25.29 2.22 -6.84
N VAL A 72 -25.93 3.35 -6.53
CA VAL A 72 -25.22 4.55 -6.09
C VAL A 72 -25.68 4.90 -4.68
N LYS A 73 -24.72 5.06 -3.78
CA LYS A 73 -24.97 5.50 -2.40
C LYS A 73 -24.14 6.73 -2.13
N LYS A 74 -24.77 7.77 -1.58
CA LYS A 74 -24.13 9.07 -1.39
C LYS A 74 -24.06 9.42 0.08
N ASN A 75 -22.95 10.08 0.46
CA ASN A 75 -22.76 10.65 1.78
C ASN A 75 -22.86 9.59 2.87
N LEU A 76 -21.79 8.81 3.06
CA LEU A 76 -21.74 7.77 4.07
C LEU A 76 -20.46 7.90 4.88
N THR A 77 -20.44 7.27 6.05
CA THR A 77 -19.27 7.20 6.89
C THR A 77 -18.51 5.90 6.62
N ALA A 78 -17.34 5.77 7.22
CA ALA A 78 -16.51 4.58 7.00
C ALA A 78 -17.20 3.32 7.49
N SER A 79 -18.07 3.43 8.49
CA SER A 79 -18.82 2.27 8.95
C SER A 79 -20.10 2.08 8.15
N ASP A 80 -20.68 3.17 7.62
CA ASP A 80 -21.87 3.05 6.79
C ASP A 80 -21.54 2.49 5.42
N MET A 81 -20.35 2.81 4.89
CA MET A 81 -19.92 2.21 3.63
C MET A 81 -19.64 0.72 3.78
N THR A 82 -19.27 0.28 4.98
CA THR A 82 -19.01 -1.14 5.22
C THR A 82 -20.31 -1.93 5.18
N THR A 83 -21.40 -1.36 5.69
CA THR A 83 -22.68 -2.06 5.67
C THR A 83 -23.18 -2.23 4.23
N GLU A 84 -22.99 -1.21 3.39
CA GLU A 84 -23.41 -1.31 1.99
C GLU A 84 -22.47 -2.17 1.16
N LEU A 85 -21.21 -2.34 1.58
CA LEU A 85 -20.29 -3.19 0.85
C LEU A 85 -20.54 -4.66 1.12
N GLU A 86 -20.73 -5.03 2.39
CA GLU A 86 -20.99 -6.44 2.72
C GLU A 86 -22.35 -6.87 2.19
N ALA A 87 -23.34 -5.98 2.22
CA ALA A 87 -24.62 -6.28 1.58
C ALA A 87 -24.46 -6.44 0.07
N PHE A 88 -23.46 -5.77 -0.51
CA PHE A 88 -23.13 -5.94 -1.92
C PHE A 88 -22.28 -7.18 -2.16
N ALA A 89 -21.67 -7.75 -1.12
CA ALA A 89 -20.77 -8.87 -1.29
C ALA A 89 -21.50 -10.22 -1.33
N HIS A 90 -22.68 -10.32 -0.74
CA HIS A 90 -23.47 -11.54 -0.79
C HIS A 90 -24.80 -11.32 -1.52
N ARG A 91 -24.78 -10.46 -2.53
CA ARG A 91 -25.93 -10.32 -3.41
C ARG A 91 -26.15 -11.63 -4.16
N PRO A 92 -27.41 -12.00 -4.43
CA PRO A 92 -27.66 -13.27 -5.12
C PRO A 92 -27.26 -13.25 -6.58
N GLU A 93 -27.35 -12.10 -7.25
CA GLU A 93 -27.10 -12.02 -8.68
C GLU A 93 -25.62 -12.12 -9.05
N HIS A 94 -24.72 -12.16 -8.08
CA HIS A 94 -23.30 -12.24 -8.41
C HIS A 94 -22.91 -13.64 -8.89
N LYS A 95 -23.63 -14.67 -8.46
CA LYS A 95 -23.33 -16.02 -8.93
C LYS A 95 -23.71 -16.21 -10.39
N THR A 96 -24.62 -15.39 -10.91
CA THR A 96 -24.98 -15.40 -12.33
C THR A 96 -24.31 -14.28 -13.10
N SER A 97 -23.34 -13.59 -12.50
CA SER A 97 -22.56 -12.55 -13.16
C SER A 97 -21.15 -13.06 -13.43
N ASP A 98 -20.37 -12.24 -14.12
CA ASP A 98 -19.01 -12.60 -14.49
C ASP A 98 -17.97 -11.57 -14.10
N SER A 99 -18.36 -10.38 -13.64
CA SER A 99 -17.42 -9.36 -13.23
C SER A 99 -18.14 -8.35 -12.35
N THR A 100 -17.40 -7.37 -11.85
CA THR A 100 -17.99 -6.32 -11.02
C THR A 100 -17.09 -5.09 -11.08
N PHE A 101 -17.69 -3.94 -10.80
CA PHE A 101 -16.99 -2.66 -10.78
C PHE A 101 -17.38 -1.90 -9.52
N LEU A 102 -16.38 -1.42 -8.78
CA LEU A 102 -16.58 -0.63 -7.58
C LEU A 102 -15.86 0.70 -7.76
N VAL A 103 -16.61 1.80 -7.64
CA VAL A 103 -16.07 3.14 -7.80
C VAL A 103 -16.25 3.88 -6.48
N PHE A 104 -15.15 4.37 -5.93
CA PHE A 104 -15.15 5.14 -4.68
C PHE A 104 -14.68 6.55 -4.97
N MET A 105 -15.51 7.54 -4.59
CA MET A 105 -15.20 8.95 -4.80
C MET A 105 -15.48 9.71 -3.52
N SER A 106 -14.43 10.23 -2.89
CA SER A 106 -14.53 11.01 -1.67
C SER A 106 -13.17 11.66 -1.42
N HIS A 107 -13.03 12.31 -0.27
CA HIS A 107 -11.71 12.76 0.16
C HIS A 107 -10.88 11.57 0.63
N GLY A 108 -9.58 11.79 0.74
CA GLY A 108 -8.69 10.73 1.17
C GLY A 108 -7.30 11.19 1.56
N ILE A 109 -6.68 10.46 2.47
CA ILE A 109 -5.31 10.73 2.88
C ILE A 109 -4.45 9.52 2.54
N ARG A 110 -3.24 9.46 3.10
CA ARG A 110 -2.35 8.34 2.83
C ARG A 110 -2.92 7.04 3.38
N GLU A 111 -3.70 7.11 4.47
CA GLU A 111 -4.23 5.90 5.09
C GLU A 111 -5.31 5.26 4.21
N GLY A 112 -6.27 6.05 3.76
CA GLY A 112 -7.34 5.51 2.95
C GLY A 112 -8.39 6.53 2.52
N ILE A 113 -9.66 6.12 2.52
CA ILE A 113 -10.75 6.94 2.02
C ILE A 113 -11.49 7.55 3.21
N CYS A 114 -11.78 8.84 3.13
CA CYS A 114 -12.46 9.54 4.22
C CYS A 114 -13.97 9.31 4.16
N GLY A 115 -14.59 9.35 5.34
CA GLY A 115 -16.03 9.27 5.45
C GLY A 115 -16.67 10.64 5.65
N LYS A 116 -17.98 10.62 5.91
CA LYS A 116 -18.70 11.87 6.11
C LYS A 116 -18.28 12.57 7.39
N LYS A 117 -18.13 11.80 8.48
CA LYS A 117 -17.76 12.35 9.78
C LYS A 117 -16.25 12.54 9.94
N HIS A 118 -15.49 12.60 8.85
CA HIS A 118 -14.04 12.70 8.96
C HIS A 118 -13.61 14.09 9.39
N SER A 119 -12.67 14.13 10.33
CA SER A 119 -12.08 15.37 10.80
C SER A 119 -10.61 15.12 11.10
N GLU A 120 -9.88 16.20 11.37
CA GLU A 120 -8.46 16.08 11.68
C GLU A 120 -8.25 15.35 12.99
N GLN A 121 -9.11 15.58 13.98
CA GLN A 121 -8.92 15.01 15.31
C GLN A 121 -9.39 13.56 15.38
N VAL A 122 -10.63 13.31 14.95
CA VAL A 122 -11.22 11.96 14.98
C VAL A 122 -11.34 11.48 13.54
N PRO A 123 -10.52 10.53 13.11
CA PRO A 123 -10.59 10.06 11.72
C PRO A 123 -11.87 9.28 11.45
N ASP A 124 -12.16 9.11 10.17
CA ASP A 124 -13.28 8.34 9.65
C ASP A 124 -12.81 7.75 8.32
N ILE A 125 -11.86 6.81 8.41
CA ILE A 125 -11.11 6.33 7.25
C ILE A 125 -11.48 4.87 7.00
N LEU A 126 -11.74 4.55 5.72
CA LEU A 126 -11.91 3.17 5.27
C LEU A 126 -10.65 2.81 4.47
N GLN A 127 -9.78 2.03 5.08
CA GLN A 127 -8.50 1.71 4.46
C GLN A 127 -8.70 0.85 3.21
N LEU A 128 -7.64 0.77 2.41
CA LEU A 128 -7.73 0.07 1.12
C LEU A 128 -7.94 -1.42 1.32
N ASN A 129 -7.13 -2.05 2.19
CA ASN A 129 -7.25 -3.48 2.42
C ASN A 129 -8.58 -3.86 3.06
N ALA A 130 -9.23 -2.93 3.76
CA ALA A 130 -10.56 -3.20 4.29
C ALA A 130 -11.55 -3.44 3.16
N ILE A 131 -11.41 -2.71 2.05
CA ILE A 131 -12.26 -2.93 0.89
C ILE A 131 -11.89 -4.24 0.20
N PHE A 132 -10.61 -4.61 0.21
CA PHE A 132 -10.17 -5.78 -0.54
C PHE A 132 -10.59 -7.08 0.15
N ASN A 133 -10.27 -7.22 1.44
CA ASN A 133 -10.64 -8.44 2.15
C ASN A 133 -12.14 -8.52 2.41
N MET A 134 -12.90 -7.48 2.08
CA MET A 134 -14.35 -7.52 2.24
C MET A 134 -15.03 -8.17 1.03
N LEU A 135 -14.39 -8.11 -0.14
CA LEU A 135 -14.90 -8.77 -1.34
C LEU A 135 -13.98 -9.89 -1.81
N ASN A 136 -13.15 -10.43 -0.92
CA ASN A 136 -12.25 -11.52 -1.28
C ASN A 136 -13.04 -12.82 -1.41
N THR A 137 -12.31 -13.90 -1.70
CA THR A 137 -12.96 -15.19 -1.89
C THR A 137 -13.67 -15.66 -0.63
N LYS A 138 -13.17 -15.28 0.55
CA LYS A 138 -13.77 -15.70 1.80
C LYS A 138 -15.15 -15.09 1.99
N ASN A 139 -15.22 -13.76 2.05
CA ASN A 139 -16.48 -13.07 2.29
C ASN A 139 -17.35 -12.95 1.05
N CYS A 140 -16.83 -13.28 -0.13
CA CYS A 140 -17.58 -13.18 -1.37
C CYS A 140 -17.19 -14.33 -2.29
N PRO A 141 -17.68 -15.54 -2.02
CA PRO A 141 -17.34 -16.68 -2.89
C PRO A 141 -18.01 -16.62 -4.25
N SER A 142 -19.08 -15.83 -4.41
CA SER A 142 -19.76 -15.71 -5.69
C SER A 142 -18.94 -14.96 -6.72
N LEU A 143 -17.81 -14.37 -6.34
CA LEU A 143 -16.92 -13.68 -7.27
C LEU A 143 -15.54 -14.34 -7.33
N LYS A 144 -15.42 -15.58 -6.86
CA LYS A 144 -14.17 -16.32 -7.00
C LYS A 144 -13.85 -16.54 -8.47
N ASP A 145 -12.60 -16.30 -8.83
CA ASP A 145 -12.11 -16.43 -10.21
C ASP A 145 -12.80 -15.47 -11.18
N LYS A 146 -13.35 -14.36 -10.65
CA LYS A 146 -14.01 -13.35 -11.46
C LYS A 146 -13.32 -12.00 -11.28
N PRO A 147 -13.23 -11.19 -12.33
CA PRO A 147 -12.56 -9.89 -12.21
C PRO A 147 -13.31 -8.97 -11.24
N LYS A 148 -12.55 -8.26 -10.42
CA LYS A 148 -13.08 -7.30 -9.45
C LYS A 148 -12.30 -6.00 -9.62
N VAL A 149 -12.82 -5.10 -10.44
CA VAL A 149 -12.15 -3.85 -10.76
C VAL A 149 -12.61 -2.79 -9.76
N ILE A 150 -11.67 -2.24 -9.00
CA ILE A 150 -11.94 -1.22 -8.00
C ILE A 150 -11.28 0.08 -8.47
N ILE A 151 -12.08 1.10 -8.68
CA ILE A 151 -11.61 2.42 -9.11
C ILE A 151 -11.80 3.40 -7.97
N ILE A 152 -10.75 4.14 -7.64
CA ILE A 152 -10.73 5.01 -6.47
C ILE A 152 -10.37 6.42 -6.92
N GLN A 153 -11.26 7.38 -6.65
CA GLN A 153 -11.02 8.80 -6.88
C GLN A 153 -10.97 9.47 -5.51
N ALA A 154 -9.76 9.79 -5.06
CA ALA A 154 -9.54 10.40 -3.75
C ALA A 154 -8.10 10.85 -3.66
N ALA A 155 -7.87 11.91 -2.89
CA ALA A 155 -6.51 12.38 -2.66
C ALA A 155 -5.73 11.36 -1.84
N ARG A 156 -4.40 11.49 -1.87
CA ARG A 156 -3.51 10.59 -1.17
C ARG A 156 -2.46 11.32 -0.34
N GLY A 157 -2.55 12.65 -0.26
CA GLY A 157 -1.58 13.41 0.51
C GLY A 157 -1.80 14.90 0.36
N ASP A 158 -0.70 15.64 0.36
CA ASP A 158 -0.73 17.09 0.20
C ASP A 158 0.31 17.63 -0.77
N SER A 159 1.25 16.80 -1.23
CA SER A 159 2.29 17.29 -2.12
C SER A 159 1.72 17.54 -3.52
N PRO A 160 2.28 18.51 -4.26
CA PRO A 160 1.81 18.74 -5.63
C PRO A 160 2.17 17.63 -6.59
N GLY A 161 3.21 16.85 -6.30
CA GLY A 161 3.59 15.74 -7.16
C GLY A 161 4.40 16.12 -8.37
N VAL A 162 5.06 17.28 -8.35
CA VAL A 162 5.82 17.75 -9.50
C VAL A 162 7.28 17.94 -9.10
N VAL A 163 8.13 18.06 -10.13
CA VAL A 163 9.53 18.37 -9.93
C VAL A 163 10.03 19.00 -11.23
N TRP A 164 10.92 19.99 -11.10
CA TRP A 164 11.44 20.71 -12.24
C TRP A 164 12.82 20.18 -12.59
N PHE A 165 13.05 19.98 -13.90
CA PHE A 165 14.29 19.40 -14.41
C PHE A 165 14.81 20.27 -15.54
N LYS A 166 16.05 19.99 -15.95
CA LYS A 166 16.67 20.74 -17.03
C LYS A 166 15.97 20.45 -18.36
N ASP A 167 15.80 21.49 -19.15
CA ASP A 167 15.14 21.33 -20.45
C ASP A 167 16.15 21.52 -21.59
N ALA B 1 -17.14 -32.45 -1.03
CA ALA B 1 -15.99 -32.00 -1.81
C ALA B 1 -15.66 -30.55 -1.52
N ILE B 2 -14.57 -30.33 -0.80
CA ILE B 2 -14.11 -29.00 -0.43
C ILE B 2 -12.68 -28.83 -0.96
N LYS B 3 -12.44 -27.72 -1.64
CA LYS B 3 -11.14 -27.43 -2.23
C LYS B 3 -10.49 -26.23 -1.57
N LYS B 4 -9.18 -26.12 -1.77
CA LYS B 4 -8.41 -25.00 -1.27
C LYS B 4 -8.33 -23.90 -2.33
N ALA B 5 -8.35 -22.65 -1.89
CA ALA B 5 -8.32 -21.52 -2.81
C ALA B 5 -7.58 -20.36 -2.18
N HIS B 6 -7.02 -19.51 -3.03
CA HIS B 6 -6.36 -18.30 -2.56
C HIS B 6 -7.36 -17.37 -1.88
N ILE B 7 -6.91 -16.69 -0.83
CA ILE B 7 -7.83 -15.85 -0.07
C ILE B 7 -8.27 -14.64 -0.88
N GLU B 8 -7.37 -14.09 -1.71
CA GLU B 8 -7.73 -12.95 -2.55
C GLU B 8 -6.89 -12.97 -3.82
N LYS B 9 -7.56 -12.92 -4.97
CA LYS B 9 -6.90 -12.79 -6.26
C LYS B 9 -7.90 -12.22 -7.25
N ASP B 10 -7.43 -11.99 -8.48
CA ASP B 10 -8.24 -11.40 -9.54
C ASP B 10 -8.75 -10.02 -9.16
N PHE B 11 -7.89 -9.26 -8.47
CA PHE B 11 -8.16 -7.89 -8.07
C PHE B 11 -7.35 -6.92 -8.92
N ILE B 12 -7.83 -5.69 -9.00
CA ILE B 12 -7.10 -4.61 -9.65
C ILE B 12 -7.65 -3.27 -9.16
N ALA B 13 -6.76 -2.36 -8.75
CA ALA B 13 -7.14 -1.04 -8.28
C ALA B 13 -6.50 0.02 -9.15
N PHE B 14 -7.26 1.06 -9.47
CA PHE B 14 -6.80 2.18 -10.30
C PHE B 14 -7.04 3.46 -9.51
N CYS B 15 -5.98 3.99 -8.90
CA CYS B 15 -6.09 5.15 -8.02
C CYS B 15 -6.01 6.44 -8.81
N SER B 16 -6.47 7.53 -8.17
CA SER B 16 -6.57 8.81 -8.87
C SER B 16 -5.20 9.47 -9.03
N SER B 17 -4.28 9.24 -8.10
CA SER B 17 -2.98 9.89 -8.15
C SER B 17 -1.94 9.01 -7.46
N THR B 18 -0.68 9.40 -7.59
CA THR B 18 0.39 8.72 -6.90
C THR B 18 0.32 9.01 -5.40
N PRO B 19 0.94 8.15 -4.57
CA PRO B 19 0.92 8.41 -3.13
C PRO B 19 1.49 9.78 -2.78
N ASP B 20 1.01 10.32 -1.66
CA ASP B 20 1.35 11.62 -1.08
C ASP B 20 0.97 12.79 -1.98
N ASN B 21 0.30 12.55 -3.11
CA ASN B 21 -0.11 13.60 -4.03
C ASN B 21 -1.63 13.72 -4.05
N VAL B 22 -2.10 14.89 -4.44
CA VAL B 22 -3.53 15.20 -4.42
C VAL B 22 -4.12 14.93 -5.80
N SER B 23 -5.41 14.61 -5.81
CA SER B 23 -6.17 14.53 -7.05
C SER B 23 -6.65 15.93 -7.43
N TRP B 24 -7.31 16.03 -8.58
CA TRP B 24 -7.78 17.32 -9.07
C TRP B 24 -9.13 17.15 -9.74
N ARG B 25 -10.06 18.03 -9.40
CA ARG B 25 -11.42 18.01 -9.91
C ARG B 25 -11.82 19.39 -10.42
N HIS B 26 -12.85 19.41 -11.25
CA HIS B 26 -13.37 20.64 -11.82
C HIS B 26 -14.87 20.66 -11.58
N PRO B 27 -15.41 21.71 -10.93
CA PRO B 27 -16.85 21.71 -10.61
C PRO B 27 -17.76 21.68 -11.84
N THR B 28 -17.27 22.10 -13.01
CA THR B 28 -18.10 22.14 -14.20
C THR B 28 -18.09 20.82 -14.96
N MET B 29 -16.91 20.31 -15.30
CA MET B 29 -16.77 19.11 -16.11
C MET B 29 -16.37 17.89 -15.31
N GLY B 30 -16.52 17.92 -13.99
CA GLY B 30 -16.15 16.80 -13.16
C GLY B 30 -14.65 16.69 -12.98
N SER B 31 -14.22 15.52 -12.53
CA SER B 31 -12.82 15.27 -12.27
C SER B 31 -12.08 15.01 -13.59
N VAL B 32 -10.78 15.34 -13.59
CA VAL B 32 -9.94 15.07 -14.75
C VAL B 32 -9.67 13.58 -14.86
N PHE B 33 -9.58 12.88 -13.72
CA PHE B 33 -9.35 11.45 -13.73
C PHE B 33 -10.59 10.69 -14.18
N ILE B 34 -11.77 11.09 -13.70
CA ILE B 34 -13.00 10.43 -14.10
C ILE B 34 -13.30 10.70 -15.57
N GLY B 35 -13.00 11.92 -16.03
CA GLY B 35 -13.26 12.24 -17.43
C GLY B 35 -12.34 11.49 -18.38
N ARG B 36 -11.05 11.46 -18.06
CA ARG B 36 -10.09 10.78 -18.92
C ARG B 36 -10.31 9.27 -18.94
N LEU B 37 -10.79 8.71 -17.84
CA LEU B 37 -11.04 7.27 -17.79
C LEU B 37 -12.20 6.88 -18.70
N ILE B 38 -13.26 7.68 -18.70
CA ILE B 38 -14.41 7.39 -19.56
C ILE B 38 -14.02 7.49 -21.03
N GLU B 39 -13.17 8.46 -21.37
CA GLU B 39 -12.77 8.63 -22.77
C GLU B 39 -12.06 7.38 -23.30
N HIS B 40 -11.08 6.88 -22.55
CA HIS B 40 -10.34 5.71 -23.01
C HIS B 40 -11.19 4.45 -22.94
N MET B 41 -12.03 4.33 -21.91
CA MET B 41 -12.90 3.16 -21.80
C MET B 41 -13.88 3.10 -22.96
N GLN B 42 -14.52 4.22 -23.28
CA GLN B 42 -15.44 4.25 -24.42
C GLN B 42 -14.72 4.04 -25.75
N GLU B 43 -13.39 4.21 -25.77
CA GLU B 43 -12.61 4.10 -27.00
C GLU B 43 -11.93 2.75 -27.17
N TYR B 44 -11.31 2.24 -26.11
CA TYR B 44 -10.46 1.05 -26.22
C TYR B 44 -11.03 -0.18 -25.52
N ALA B 45 -12.30 -0.14 -25.10
CA ALA B 45 -12.90 -1.34 -24.52
C ALA B 45 -13.22 -2.39 -25.57
N CYS B 46 -13.15 -2.05 -26.85
CA CYS B 46 -13.43 -2.99 -27.93
C CYS B 46 -12.19 -3.70 -28.46
N SER B 47 -10.99 -3.25 -28.08
CA SER B 47 -9.73 -3.84 -28.53
C SER B 47 -8.71 -4.09 -27.42
N CYS B 48 -8.68 -3.29 -26.36
CA CYS B 48 -7.69 -3.43 -25.32
C CYS B 48 -8.32 -4.00 -24.05
N ASP B 49 -7.49 -4.70 -23.26
CA ASP B 49 -7.95 -5.19 -21.97
C ASP B 49 -7.90 -4.06 -20.94
N VAL B 50 -8.46 -4.34 -19.76
CA VAL B 50 -8.58 -3.30 -18.74
C VAL B 50 -7.20 -2.86 -18.24
N GLU B 51 -6.28 -3.81 -18.10
CA GLU B 51 -4.94 -3.47 -17.63
C GLU B 51 -4.20 -2.60 -18.64
N GLU B 52 -4.51 -2.76 -19.93
CA GLU B 52 -3.88 -1.93 -20.95
C GLU B 52 -4.58 -0.59 -21.12
N ILE B 53 -5.91 -0.55 -20.92
CA ILE B 53 -6.63 0.72 -20.97
C ILE B 53 -6.14 1.65 -19.86
N PHE B 54 -6.01 1.11 -18.65
CA PHE B 54 -5.47 1.90 -17.55
C PHE B 54 -4.06 2.40 -17.85
N ARG B 55 -3.27 1.61 -18.58
CA ARG B 55 -1.94 2.06 -18.98
C ARG B 55 -2.02 3.21 -19.97
N LYS B 56 -3.03 3.18 -20.85
CA LYS B 56 -3.20 4.26 -21.82
C LYS B 56 -3.66 5.54 -21.14
N VAL B 57 -4.46 5.42 -20.07
CA VAL B 57 -4.87 6.61 -19.32
C VAL B 57 -3.66 7.27 -18.66
N ARG B 58 -2.75 6.46 -18.12
CA ARG B 58 -1.51 7.00 -17.57
C ARG B 58 -0.66 7.65 -18.65
N PHE B 59 -0.76 7.16 -19.89
CA PHE B 59 0.02 7.75 -20.98
C PHE B 59 -0.46 9.15 -21.32
N SER B 60 -1.77 9.40 -21.21
CA SER B 60 -2.30 10.73 -21.50
C SER B 60 -1.92 11.75 -20.44
N PHE B 61 -1.52 11.29 -19.25
CA PHE B 61 -1.09 12.18 -18.17
C PHE B 61 0.42 12.27 -18.06
N GLU B 62 1.16 11.78 -19.07
CA GLU B 62 2.61 11.86 -19.02
C GLU B 62 3.10 13.31 -19.01
N GLN B 63 2.39 14.20 -19.68
CA GLN B 63 2.75 15.62 -19.69
C GLN B 63 1.98 16.33 -18.59
N PRO B 64 2.64 16.80 -17.54
CA PRO B 64 1.92 17.52 -16.47
C PRO B 64 1.40 18.87 -16.93
N ASP B 65 0.09 18.98 -16.98
CA ASP B 65 -0.59 20.24 -17.36
C ASP B 65 -1.44 20.66 -16.17
N GLY B 66 -1.41 21.92 -15.80
CA GLY B 66 -2.23 22.35 -14.66
C GLY B 66 -1.85 21.59 -13.41
N ARG B 67 -2.82 20.93 -12.80
CA ARG B 67 -2.57 20.12 -11.60
C ARG B 67 -2.09 18.76 -12.09
N ALA B 68 -0.79 18.53 -12.03
CA ALA B 68 -0.25 17.22 -12.39
C ALA B 68 -0.81 16.13 -11.49
N GLN B 69 -1.35 15.08 -12.11
CA GLN B 69 -1.75 13.88 -11.41
C GLN B 69 -1.36 12.66 -12.24
N MET B 70 -0.85 11.64 -11.56
CA MET B 70 -0.44 10.41 -12.21
C MET B 70 -1.21 9.25 -11.59
N PRO B 71 -2.24 8.73 -12.26
CA PRO B 71 -2.97 7.58 -11.72
C PRO B 71 -2.03 6.40 -11.50
N THR B 72 -2.39 5.53 -10.58
CA THR B 72 -1.55 4.41 -10.18
C THR B 72 -2.38 3.14 -10.14
N THR B 73 -1.87 2.09 -10.76
CA THR B 73 -2.48 0.76 -10.68
C THR B 73 -1.82 -0.01 -9.54
N GLU B 74 -2.60 -0.34 -8.52
CA GLU B 74 -2.07 -1.01 -7.34
C GLU B 74 -2.84 -2.29 -7.07
N ARG B 75 -2.17 -3.21 -6.37
CA ARG B 75 -2.76 -4.44 -5.87
C ARG B 75 -3.38 -5.25 -7.01
N VAL B 76 -2.53 -5.57 -7.99
CA VAL B 76 -2.95 -6.32 -9.16
C VAL B 76 -2.74 -7.81 -8.89
N THR B 77 -3.84 -8.57 -8.89
CA THR B 77 -3.77 -10.02 -8.79
C THR B 77 -4.54 -10.70 -9.91
N LEU B 78 -4.70 -10.01 -11.05
CA LEU B 78 -5.39 -10.58 -12.20
C LEU B 78 -4.56 -11.70 -12.80
N THR B 79 -5.14 -12.89 -12.90
CA THR B 79 -4.46 -14.02 -13.51
C THR B 79 -4.64 -14.09 -15.02
N ARG B 80 -5.66 -13.44 -15.55
CA ARG B 80 -5.93 -13.39 -16.99
C ARG B 80 -6.19 -11.95 -17.39
N CYS B 81 -6.37 -11.74 -18.70
CA CYS B 81 -6.64 -10.42 -19.25
C CYS B 81 -8.14 -10.18 -19.26
N PHE B 82 -8.58 -9.13 -18.56
CA PHE B 82 -10.00 -8.78 -18.51
C PHE B 82 -10.34 -8.01 -19.77
N TYR B 83 -11.04 -8.67 -20.70
CA TYR B 83 -11.52 -8.04 -21.93
C TYR B 83 -13.01 -7.78 -21.80
N LEU B 84 -13.39 -6.51 -21.71
CA LEU B 84 -14.79 -6.15 -21.84
C LEU B 84 -15.21 -6.29 -23.29
N PHE B 85 -16.37 -6.92 -23.51
CA PHE B 85 -16.93 -7.11 -24.85
C PHE B 85 -18.21 -6.30 -24.97
N PRO B 86 -18.12 -5.00 -25.29
CA PRO B 86 -19.33 -4.18 -25.42
C PRO B 86 -20.17 -4.66 -26.61
N GLY B 87 -21.46 -4.87 -26.35
CA GLY B 87 -22.34 -5.45 -27.34
C GLY B 87 -22.49 -6.96 -27.23
N HIS B 88 -21.69 -7.61 -26.39
CA HIS B 88 -21.78 -9.05 -26.21
C HIS B 88 -22.14 -9.39 -24.76
N GLY C 1 23.13 -16.22 -24.18
CA GLY C 1 22.52 -16.55 -22.91
C GLY C 1 21.53 -17.68 -22.98
N ASN C 2 21.11 -18.18 -21.82
CA ASN C 2 20.14 -19.27 -21.76
C ASN C 2 18.71 -18.80 -21.98
N VAL C 3 18.47 -17.49 -21.98
CA VAL C 3 17.14 -16.96 -22.22
C VAL C 3 16.76 -17.15 -23.69
N LYS C 4 15.49 -17.45 -23.94
CA LYS C 4 15.01 -17.59 -25.32
C LYS C 4 15.20 -16.26 -26.05
N LEU C 5 15.85 -16.33 -27.21
CA LEU C 5 16.32 -15.14 -27.89
C LEU C 5 15.22 -14.49 -28.72
N CYS C 6 15.14 -13.17 -28.65
CA CYS C 6 14.24 -12.40 -29.50
C CYS C 6 14.81 -12.31 -30.92
N SER C 7 13.93 -12.06 -31.87
CA SER C 7 14.30 -11.99 -33.27
C SER C 7 13.72 -10.73 -33.89
N LEU C 8 14.24 -10.39 -35.08
CA LEU C 8 13.78 -9.21 -35.79
C LEU C 8 12.34 -9.37 -36.28
N GLU C 9 11.86 -10.60 -36.44
CA GLU C 9 10.49 -10.80 -36.89
C GLU C 9 9.50 -10.64 -35.74
N GLU C 10 9.75 -11.30 -34.62
CA GLU C 10 8.88 -11.14 -33.46
C GLU C 10 8.94 -9.74 -32.89
N ALA C 11 10.09 -9.07 -33.03
CA ALA C 11 10.16 -7.65 -32.67
C ALA C 11 9.25 -6.82 -33.58
N GLN C 12 9.32 -7.08 -34.89
CA GLN C 12 8.41 -6.41 -35.83
C GLN C 12 6.96 -6.74 -35.51
N ARG C 13 6.69 -7.93 -34.97
CA ARG C 13 5.34 -8.32 -34.62
C ARG C 13 4.76 -7.46 -33.49
N ILE C 14 5.61 -6.75 -32.76
CA ILE C 14 5.15 -5.96 -31.62
C ILE C 14 5.64 -4.51 -31.73
N TRP C 15 6.91 -4.33 -32.13
CA TRP C 15 7.46 -2.98 -32.20
C TRP C 15 6.78 -2.17 -33.29
N LYS C 16 6.34 -2.81 -34.37
CA LYS C 16 5.57 -2.10 -35.40
C LYS C 16 4.09 -2.01 -35.03
N GLN C 17 3.59 -2.88 -34.16
CA GLN C 17 2.20 -2.86 -33.73
C GLN C 17 1.91 -1.61 -32.92
N LYS C 18 2.50 -1.50 -31.73
CA LYS C 18 2.32 -0.35 -30.86
C LYS C 18 3.54 0.55 -30.99
N SER C 19 3.44 1.55 -31.87
CA SER C 19 4.57 2.44 -32.14
C SER C 19 4.79 3.42 -30.99
N ALA C 20 3.73 4.06 -30.51
CA ALA C 20 3.81 5.05 -29.45
C ALA C 20 3.45 4.47 -28.09
N GLU C 21 3.73 3.18 -27.87
CA GLU C 21 3.35 2.53 -26.62
C GLU C 21 4.46 1.66 -26.05
N ILE C 22 5.72 1.86 -26.47
CA ILE C 22 6.83 1.00 -26.09
C ILE C 22 8.01 1.86 -25.68
N TYR C 23 8.68 1.45 -24.60
CA TYR C 23 9.90 2.14 -24.18
C TYR C 23 11.03 1.85 -25.16
N PRO C 24 11.86 2.84 -25.46
CA PRO C 24 12.97 2.62 -26.39
C PRO C 24 14.08 1.82 -25.75
N ILE C 25 14.91 1.20 -26.61
CA ILE C 25 16.06 0.41 -26.18
C ILE C 25 17.30 0.98 -26.87
N MET C 26 18.35 1.20 -26.10
CA MET C 26 19.58 1.78 -26.63
C MET C 26 20.37 0.73 -27.40
N ASP C 27 21.48 1.16 -28.00
CA ASP C 27 22.30 0.29 -28.83
C ASP C 27 23.14 -0.64 -27.96
N LYS C 28 23.17 -1.92 -28.32
CA LYS C 28 23.91 -2.91 -27.54
C LYS C 28 25.39 -2.56 -27.41
N SER C 29 25.95 -1.91 -28.44
CA SER C 29 27.37 -1.57 -28.41
C SER C 29 27.69 -0.47 -27.41
N SER C 30 26.70 0.36 -27.03
CA SER C 30 26.94 1.48 -26.14
C SER C 30 26.11 1.41 -24.87
N ARG C 31 25.38 0.32 -24.63
CA ARG C 31 24.57 0.19 -23.43
C ARG C 31 25.44 -0.10 -22.22
N THR C 32 25.07 0.48 -21.08
CA THR C 32 25.70 0.19 -19.79
C THR C 32 24.60 -0.01 -18.75
N ARG C 33 23.73 -0.98 -19.00
CA ARG C 33 22.62 -1.25 -18.11
C ARG C 33 23.12 -1.80 -16.78
N LEU C 34 22.55 -1.31 -15.69
CA LEU C 34 22.95 -1.71 -14.35
C LEU C 34 21.76 -2.33 -13.61
N ALA C 35 22.07 -3.31 -12.77
CA ALA C 35 21.09 -3.94 -11.90
C ALA C 35 21.61 -3.89 -10.47
N LEU C 36 20.68 -4.05 -9.52
CA LEU C 36 21.04 -4.02 -8.11
C LEU C 36 20.28 -5.13 -7.39
N ILE C 37 21.02 -5.96 -6.65
CA ILE C 37 20.44 -7.05 -5.88
C ILE C 37 20.88 -6.88 -4.43
N ILE C 38 19.91 -6.74 -3.53
CA ILE C 38 20.15 -6.68 -2.10
C ILE C 38 19.49 -7.89 -1.47
N CYS C 39 20.29 -8.76 -0.87
CA CYS C 39 19.79 -9.98 -0.26
C CYS C 39 20.30 -10.11 1.16
N ASN C 40 19.38 -10.33 2.09
CA ASN C 40 19.72 -10.57 3.50
C ASN C 40 19.52 -12.05 3.80
N GLU C 41 20.61 -12.74 4.12
CA GLU C 41 20.57 -14.16 4.44
C GLU C 41 20.53 -14.40 5.95
N GLU C 42 21.55 -13.93 6.67
CA GLU C 42 21.67 -14.15 8.11
C GLU C 42 21.32 -12.88 8.86
N PHE C 43 20.42 -13.00 9.83
CA PHE C 43 19.94 -11.89 10.64
C PHE C 43 20.54 -11.98 12.05
N ASP C 44 20.18 -11.00 12.89
CA ASP C 44 20.66 -10.96 14.26
C ASP C 44 19.71 -11.63 15.24
N SER C 45 18.45 -11.87 14.86
CA SER C 45 17.49 -12.51 15.74
C SER C 45 16.58 -13.44 14.95
N ILE C 46 16.11 -12.97 13.80
CA ILE C 46 15.31 -13.80 12.90
C ILE C 46 16.19 -14.92 12.34
N PRO C 47 15.71 -16.15 12.25
CA PRO C 47 16.56 -17.25 11.79
C PRO C 47 17.10 -17.01 10.38
N ARG C 48 18.21 -17.69 10.09
CA ARG C 48 18.89 -17.53 8.81
C ARG C 48 17.99 -17.98 7.67
N ARG C 49 18.22 -17.40 6.48
CA ARG C 49 17.48 -17.75 5.28
C ARG C 49 18.38 -18.61 4.41
N THR C 50 18.35 -19.93 4.66
CA THR C 50 19.14 -20.86 3.88
C THR C 50 18.49 -21.12 2.53
N GLY C 51 19.31 -21.21 1.49
CA GLY C 51 18.82 -21.33 0.13
C GLY C 51 18.72 -20.02 -0.62
N ALA C 52 19.12 -18.90 0.00
CA ALA C 52 19.06 -17.62 -0.68
C ALA C 52 20.14 -17.51 -1.75
N GLU C 53 21.25 -18.23 -1.58
CA GLU C 53 22.31 -18.22 -2.59
C GLU C 53 21.82 -18.80 -3.91
N VAL C 54 20.87 -19.73 -3.86
CA VAL C 54 20.27 -20.25 -5.08
C VAL C 54 19.47 -19.17 -5.78
N ASP C 55 18.85 -18.26 -5.01
CA ASP C 55 18.09 -17.17 -5.61
C ASP C 55 18.98 -16.05 -6.11
N ILE C 56 20.10 -15.80 -5.43
CA ILE C 56 21.04 -14.78 -5.90
C ILE C 56 21.67 -15.21 -7.22
N THR C 57 22.24 -16.42 -7.25
CA THR C 57 22.89 -16.91 -8.46
C THR C 57 21.90 -17.04 -9.61
N GLY C 58 20.65 -17.42 -9.31
CA GLY C 58 19.66 -17.55 -10.37
C GLY C 58 19.29 -16.22 -11.01
N MET C 59 19.11 -15.19 -10.18
CA MET C 59 18.72 -13.89 -10.71
C MET C 59 19.90 -13.09 -11.23
N THR C 60 21.10 -13.30 -10.68
CA THR C 60 22.28 -12.62 -11.19
C THR C 60 22.57 -13.02 -12.63
N MET C 61 22.51 -14.33 -12.92
CA MET C 61 22.73 -14.79 -14.28
C MET C 61 21.58 -14.38 -15.20
N LEU C 62 20.35 -14.35 -14.67
CA LEU C 62 19.20 -13.94 -15.47
C LEU C 62 19.34 -12.50 -15.92
N LEU C 63 19.62 -11.59 -14.97
CA LEU C 63 19.80 -10.19 -15.33
C LEU C 63 21.06 -9.99 -16.18
N GLN C 64 22.06 -10.86 -16.01
CA GLN C 64 23.28 -10.74 -16.81
C GLN C 64 23.03 -11.15 -18.26
N ASN C 65 22.18 -12.16 -18.47
CA ASN C 65 21.82 -12.56 -19.82
C ASN C 65 20.93 -11.53 -20.51
N LEU C 66 20.22 -10.70 -19.73
CA LEU C 66 19.38 -9.66 -20.29
C LEU C 66 20.16 -8.38 -20.61
N GLY C 67 21.46 -8.35 -20.32
CA GLY C 67 22.29 -7.21 -20.63
C GLY C 67 22.54 -6.24 -19.49
N TYR C 68 22.41 -6.69 -18.24
CA TYR C 68 22.60 -5.84 -17.07
C TYR C 68 23.87 -6.24 -16.32
N SER C 69 24.55 -5.23 -15.77
CA SER C 69 25.65 -5.46 -14.85
C SER C 69 25.09 -5.55 -13.43
N VAL C 70 25.22 -6.71 -12.80
CA VAL C 70 24.56 -7.00 -11.54
C VAL C 70 25.47 -6.63 -10.39
N ASP C 71 24.98 -5.77 -9.50
CA ASP C 71 25.67 -5.43 -8.26
C ASP C 71 24.96 -6.12 -7.11
N VAL C 72 25.72 -6.89 -6.33
CA VAL C 72 25.17 -7.71 -5.25
C VAL C 72 25.68 -7.17 -3.92
N LYS C 73 24.75 -6.90 -3.00
CA LYS C 73 25.07 -6.49 -1.64
C LYS C 73 24.34 -7.43 -0.68
N LYS C 74 25.08 -8.01 0.26
CA LYS C 74 24.55 -9.03 1.14
C LYS C 74 24.55 -8.56 2.60
N ASN C 75 23.50 -8.92 3.33
CA ASN C 75 23.39 -8.72 4.77
C ASN C 75 23.57 -7.23 5.14
N LEU C 76 22.51 -6.48 4.84
CA LEU C 76 22.47 -5.06 5.12
C LEU C 76 21.32 -4.75 6.08
N THR C 77 21.31 -3.52 6.57
CA THR C 77 20.23 -3.02 7.41
C THR C 77 19.42 -1.98 6.64
N ALA C 78 18.36 -1.48 7.27
CA ALA C 78 17.56 -0.43 6.65
C ALA C 78 18.37 0.86 6.48
N SER C 79 19.44 1.04 7.24
CA SER C 79 20.33 2.18 7.07
C SER C 79 21.44 1.91 6.05
N ASP C 80 21.80 0.64 5.83
CA ASP C 80 22.78 0.27 4.82
C ASP C 80 22.16 0.14 3.44
N MET C 81 20.93 -0.38 3.37
CA MET C 81 20.23 -0.45 2.09
C MET C 81 19.88 0.95 1.58
N THR C 82 19.45 1.83 2.49
CA THR C 82 19.16 3.21 2.11
C THR C 82 20.42 3.91 1.63
N THR C 83 21.56 3.64 2.27
CA THR C 83 22.81 4.30 1.91
C THR C 83 23.25 3.92 0.50
N GLU C 84 23.23 2.63 0.19
CA GLU C 84 23.73 2.15 -1.09
C GLU C 84 22.68 2.17 -2.20
N LEU C 85 21.43 2.52 -1.87
CA LEU C 85 20.46 2.84 -2.92
C LEU C 85 20.65 4.27 -3.43
N GLU C 86 20.99 5.19 -2.52
CA GLU C 86 21.32 6.54 -2.94
C GLU C 86 22.57 6.57 -3.80
N ALA C 87 23.52 5.67 -3.55
CA ALA C 87 24.71 5.58 -4.36
C ALA C 87 24.45 4.89 -5.70
N PHE C 88 23.47 3.99 -5.74
CA PHE C 88 23.12 3.35 -7.00
C PHE C 88 22.41 4.31 -7.95
N ALA C 89 21.67 5.28 -7.40
CA ALA C 89 20.97 6.25 -8.25
C ALA C 89 21.94 7.25 -8.86
N HIS C 90 23.05 7.55 -8.18
CA HIS C 90 24.06 8.46 -8.67
C HIS C 90 25.11 7.76 -9.53
N ARG C 91 24.86 6.51 -9.92
CA ARG C 91 25.78 5.83 -10.83
C ARG C 91 25.80 6.54 -12.18
N PRO C 92 26.97 6.84 -12.74
CA PRO C 92 27.02 7.56 -14.02
C PRO C 92 26.56 6.74 -15.21
N GLU C 93 26.39 5.43 -15.06
CA GLU C 93 25.99 4.58 -16.18
C GLU C 93 24.49 4.57 -16.42
N HIS C 94 23.70 5.22 -15.56
CA HIS C 94 22.25 5.22 -15.74
C HIS C 94 21.84 6.10 -16.92
N LYS C 95 22.52 7.23 -17.13
CA LYS C 95 22.18 8.10 -18.25
C LYS C 95 22.50 7.44 -19.59
N THR C 96 23.48 6.55 -19.62
CA THR C 96 23.80 5.77 -20.82
C THR C 96 23.09 4.42 -20.82
N SER C 97 22.10 4.23 -19.96
CA SER C 97 21.28 3.03 -19.91
C SER C 97 19.85 3.38 -20.28
N ASP C 98 19.03 2.35 -20.45
CA ASP C 98 17.63 2.52 -20.83
C ASP C 98 16.63 1.96 -19.83
N SER C 99 17.09 1.26 -18.79
CA SER C 99 16.20 0.71 -17.77
C SER C 99 17.06 0.31 -16.57
N THR C 100 16.43 -0.33 -15.59
CA THR C 100 17.13 -0.82 -14.41
C THR C 100 16.26 -1.85 -13.72
N PHE C 101 16.92 -2.73 -12.95
CA PHE C 101 16.24 -3.79 -12.22
C PHE C 101 16.74 -3.79 -10.77
N LEU C 102 15.81 -3.74 -9.83
CA LEU C 102 16.12 -3.80 -8.41
C LEU C 102 15.47 -5.05 -7.82
N VAL C 103 16.27 -5.87 -7.15
CA VAL C 103 15.80 -7.11 -6.55
C VAL C 103 16.10 -7.05 -5.06
N PHE C 104 15.05 -7.18 -4.24
CA PHE C 104 15.18 -7.19 -2.79
C PHE C 104 14.75 -8.55 -2.27
N MET C 105 15.64 -9.21 -1.54
CA MET C 105 15.38 -10.55 -1.00
C MET C 105 15.69 -10.54 0.49
N SER C 106 14.65 -10.65 1.31
CA SER C 106 14.78 -10.70 2.76
C SER C 106 13.41 -11.06 3.32
N HIS C 107 13.38 -11.38 4.61
CA HIS C 107 12.12 -11.57 5.29
C HIS C 107 11.49 -10.21 5.57
N GLY C 108 10.16 -10.17 5.63
CA GLY C 108 9.48 -8.90 5.78
C GLY C 108 8.12 -9.04 6.43
N ILE C 109 7.59 -7.90 6.84
CA ILE C 109 6.25 -7.82 7.42
C ILE C 109 5.36 -6.99 6.51
N ARG C 110 4.21 -6.54 7.03
CA ARG C 110 3.27 -5.80 6.21
C ARG C 110 3.78 -4.42 5.85
N GLU C 111 4.54 -3.77 6.75
CA GLU C 111 4.98 -2.41 6.50
C GLU C 111 6.02 -2.36 5.38
N GLY C 112 7.09 -3.14 5.52
CA GLY C 112 8.14 -3.14 4.52
C GLY C 112 9.14 -4.27 4.66
N ILE C 113 10.37 -4.03 4.20
CA ILE C 113 11.43 -5.04 4.20
C ILE C 113 12.21 -4.91 5.50
N CYS C 114 12.68 -6.05 6.01
CA CYS C 114 13.44 -6.08 7.26
C CYS C 114 14.94 -6.06 6.98
N GLY C 115 15.67 -5.33 7.80
CA GLY C 115 17.11 -5.28 7.72
C GLY C 115 17.76 -6.43 8.47
N LYS C 116 19.09 -6.35 8.59
CA LYS C 116 19.85 -7.38 9.27
C LYS C 116 19.46 -7.48 10.74
N LYS C 117 19.56 -6.37 11.47
CA LYS C 117 19.31 -6.34 12.90
C LYS C 117 17.84 -6.22 13.27
N HIS C 118 16.94 -6.62 12.37
CA HIS C 118 15.51 -6.50 12.65
C HIS C 118 15.09 -7.48 13.74
N SER C 119 14.18 -7.03 14.61
CA SER C 119 13.62 -7.86 15.65
C SER C 119 12.20 -7.38 15.93
N GLU C 120 11.54 -8.03 16.88
CA GLU C 120 10.17 -7.67 17.22
C GLU C 120 10.12 -6.41 18.08
N GLN C 121 11.10 -6.23 18.97
CA GLN C 121 11.10 -5.06 19.86
C GLN C 121 11.46 -3.80 19.10
N VAL C 122 12.58 -3.81 18.38
CA VAL C 122 13.02 -2.64 17.61
C VAL C 122 13.01 -2.98 16.12
N PRO C 123 12.10 -2.44 15.34
CA PRO C 123 12.07 -2.76 13.91
C PRO C 123 13.25 -2.18 13.16
N ASP C 124 13.58 -2.84 12.04
CA ASP C 124 14.60 -2.35 11.11
C ASP C 124 14.00 -2.39 9.70
N ILE C 125 12.94 -1.62 9.51
CA ILE C 125 12.08 -1.73 8.33
C ILE C 125 12.50 -0.70 7.30
N LEU C 126 12.69 -1.16 6.06
CA LEU C 126 12.84 -0.28 4.90
C LEU C 126 11.48 -0.22 4.21
N GLN C 127 10.84 0.94 4.29
CA GLN C 127 9.48 1.10 3.77
C GLN C 127 9.45 0.93 2.25
N LEU C 128 8.31 0.45 1.76
CA LEU C 128 8.11 0.39 0.31
C LEU C 128 8.13 1.78 -0.31
N ASN C 129 7.58 2.77 0.39
CA ASN C 129 7.53 4.13 -0.12
C ASN C 129 8.93 4.76 -0.16
N ALA C 130 9.84 4.29 0.68
CA ALA C 130 11.20 4.84 0.69
C ALA C 130 12.02 4.35 -0.49
N ILE C 131 11.69 3.20 -1.08
CA ILE C 131 12.40 2.71 -2.24
C ILE C 131 11.98 3.47 -3.50
N PHE C 132 10.68 3.70 -3.66
CA PHE C 132 10.19 4.44 -4.83
C PHE C 132 10.63 5.90 -4.78
N ASN C 133 10.65 6.49 -3.58
CA ASN C 133 11.04 7.89 -3.46
C ASN C 133 12.53 8.08 -3.73
N MET C 134 13.35 7.07 -3.47
CA MET C 134 14.79 7.19 -3.65
C MET C 134 15.21 7.11 -5.11
N LEU C 135 14.36 6.58 -5.99
CA LEU C 135 14.67 6.46 -7.40
C LEU C 135 13.64 7.20 -8.26
N ASN C 136 13.05 8.26 -7.72
CA ASN C 136 12.07 9.05 -8.45
C ASN C 136 12.77 9.97 -9.44
N THR C 137 12.01 10.88 -10.05
CA THR C 137 12.61 11.82 -11.00
C THR C 137 13.54 12.81 -10.31
N LYS C 138 13.20 13.21 -9.08
CA LYS C 138 14.02 14.18 -8.37
C LYS C 138 15.33 13.55 -7.88
N ASN C 139 15.24 12.46 -7.14
CA ASN C 139 16.42 11.83 -6.56
C ASN C 139 17.18 10.95 -7.54
N CYS C 140 16.69 10.80 -8.76
CA CYS C 140 17.41 10.04 -9.77
C CYS C 140 17.02 10.56 -11.16
N PRO C 141 17.50 11.74 -11.56
CA PRO C 141 17.09 12.28 -12.86
C PRO C 141 17.64 11.52 -14.05
N SER C 142 18.71 10.73 -13.87
CA SER C 142 19.27 9.99 -14.99
C SER C 142 18.33 8.88 -15.46
N LEU C 143 17.48 8.37 -14.57
CA LEU C 143 16.53 7.32 -14.92
C LEU C 143 15.14 7.88 -15.26
N LYS C 144 15.05 9.16 -15.59
CA LYS C 144 13.78 9.75 -15.98
C LYS C 144 13.31 9.17 -17.31
N ASP C 145 12.00 8.93 -17.41
CA ASP C 145 11.36 8.32 -18.58
C ASP C 145 11.92 6.94 -18.90
N LYS C 146 12.52 6.27 -17.93
CA LYS C 146 13.09 4.94 -18.13
C LYS C 146 12.42 3.93 -17.20
N PRO C 147 12.18 2.72 -17.66
CA PRO C 147 11.51 1.71 -16.82
C PRO C 147 12.36 1.36 -15.60
N LYS C 148 11.69 1.22 -14.46
CA LYS C 148 12.33 0.85 -13.20
C LYS C 148 11.53 -0.30 -12.59
N VAL C 149 12.01 -1.52 -12.78
CA VAL C 149 11.33 -2.72 -12.29
C VAL C 149 11.94 -3.09 -10.94
N ILE C 150 11.09 -3.16 -9.92
CA ILE C 150 11.51 -3.49 -8.56
C ILE C 150 10.81 -4.79 -8.17
N ILE C 151 11.58 -5.86 -8.03
CA ILE C 151 11.05 -7.17 -7.64
C ILE C 151 11.43 -7.41 -6.19
N ILE C 152 10.44 -7.74 -5.36
CA ILE C 152 10.61 -7.87 -3.93
C ILE C 152 10.23 -9.28 -3.51
N GLN C 153 11.21 -10.06 -3.09
CA GLN C 153 10.98 -11.37 -2.48
C GLN C 153 10.98 -11.18 -0.97
N ALA C 154 9.79 -11.13 -0.39
CA ALA C 154 9.66 -10.88 1.04
C ALA C 154 8.25 -11.24 1.48
N ALA C 155 8.14 -11.87 2.65
CA ALA C 155 6.83 -12.10 3.24
C ALA C 155 6.18 -10.77 3.63
N ARG C 156 4.86 -10.80 3.77
CA ARG C 156 4.10 -9.60 4.10
C ARG C 156 3.13 -9.83 5.25
N GLY C 157 3.29 -10.91 6.00
CA GLY C 157 2.40 -11.17 7.12
C GLY C 157 2.64 -12.54 7.71
N ASP C 158 1.58 -13.10 8.31
CA ASP C 158 1.66 -14.41 8.93
C ASP C 158 0.52 -15.35 8.55
N SER C 159 -0.56 -14.84 7.96
CA SER C 159 -1.67 -15.70 7.57
C SER C 159 -1.24 -16.61 6.42
N PRO C 160 -1.82 -17.81 6.33
CA PRO C 160 -1.46 -18.72 5.24
C PRO C 160 -1.90 -18.23 3.87
N GLY C 161 -2.84 -17.29 3.80
CA GLY C 161 -3.32 -16.82 2.52
C GLY C 161 -4.21 -17.78 1.78
N VAL C 162 -4.77 -18.76 2.47
CA VAL C 162 -5.60 -19.79 1.86
C VAL C 162 -7.01 -19.69 2.43
N VAL C 163 -7.94 -20.37 1.77
CA VAL C 163 -9.33 -20.44 2.22
C VAL C 163 -9.99 -21.59 1.50
N TRP C 164 -11.01 -22.17 2.13
CA TRP C 164 -11.68 -23.36 1.62
C TRP C 164 -13.12 -23.02 1.24
N PHE C 165 -13.55 -23.56 0.10
CA PHE C 165 -14.90 -23.32 -0.42
C PHE C 165 -15.55 -24.66 -0.74
N LYS C 166 -16.83 -24.59 -1.12
CA LYS C 166 -17.59 -25.78 -1.47
C LYS C 166 -17.40 -26.08 -2.95
N ASP C 167 -16.80 -27.23 -3.25
CA ASP C 167 -16.57 -27.63 -4.64
C ASP C 167 -17.54 -28.71 -5.08
N ALA D 1 16.50 26.84 -19.94
CA ALA D 1 15.14 26.34 -20.02
C ALA D 1 14.90 25.24 -18.98
N ILE D 2 13.74 25.30 -18.33
CA ILE D 2 13.38 24.37 -17.27
C ILE D 2 11.95 23.90 -17.51
N LYS D 3 11.67 22.63 -17.26
CA LYS D 3 10.37 22.04 -17.51
C LYS D 3 9.91 21.25 -16.29
N LYS D 4 8.61 20.96 -16.26
CA LYS D 4 7.98 20.24 -15.16
C LYS D 4 7.75 18.78 -15.54
N ALA D 5 7.88 17.90 -14.54
CA ALA D 5 7.67 16.47 -14.75
C ALA D 5 7.08 15.86 -13.49
N HIS D 6 6.48 14.69 -13.66
CA HIS D 6 5.94 13.95 -12.53
C HIS D 6 7.06 13.51 -11.61
N ILE D 7 6.77 13.50 -10.31
CA ILE D 7 7.80 13.18 -9.32
C ILE D 7 8.17 11.70 -9.42
N GLU D 8 7.18 10.80 -9.46
CA GLU D 8 7.42 9.38 -9.61
C GLU D 8 6.62 8.86 -10.79
N LYS D 9 7.29 8.12 -11.67
CA LYS D 9 6.67 7.62 -12.88
C LYS D 9 7.51 6.47 -13.42
N ASP D 10 6.90 5.64 -14.26
CA ASP D 10 7.57 4.52 -14.91
C ASP D 10 8.09 3.53 -13.88
N PHE D 11 7.29 3.27 -12.85
CA PHE D 11 7.61 2.30 -11.82
C PHE D 11 6.74 1.06 -11.97
N ILE D 12 7.26 -0.07 -11.48
CA ILE D 12 6.49 -1.31 -11.42
C ILE D 12 7.10 -2.21 -10.37
N ALA D 13 6.29 -2.62 -9.38
CA ALA D 13 6.74 -3.47 -8.29
C ALA D 13 6.00 -4.80 -8.33
N PHE D 14 6.72 -5.88 -8.08
CA PHE D 14 6.19 -7.25 -8.16
C PHE D 14 6.56 -7.98 -6.87
N CYS D 15 5.64 -8.00 -5.92
CA CYS D 15 5.88 -8.65 -4.64
C CYS D 15 5.62 -10.14 -4.73
N SER D 16 6.18 -10.88 -3.77
CA SER D 16 6.14 -12.33 -3.80
C SER D 16 4.85 -12.92 -3.24
N SER D 17 3.99 -12.12 -2.61
CA SER D 17 2.77 -12.64 -2.04
C SER D 17 1.80 -11.50 -1.79
N THR D 18 0.53 -11.86 -1.60
CA THR D 18 -0.48 -10.88 -1.22
C THR D 18 -0.23 -10.39 0.21
N PRO D 19 -0.74 -9.21 0.56
CA PRO D 19 -0.52 -8.69 1.91
C PRO D 19 -1.05 -9.64 2.99
N ASP D 20 -0.45 -9.55 4.17
CA ASP D 20 -0.76 -10.35 5.35
C ASP D 20 -0.50 -11.83 5.16
N ASN D 21 0.20 -12.22 4.10
CA ASN D 21 0.50 -13.62 3.81
C ASN D 21 2.00 -13.82 3.71
N VAL D 22 2.40 -15.09 3.67
CA VAL D 22 3.80 -15.46 3.70
C VAL D 22 4.24 -15.97 2.33
N SER D 23 5.55 -15.92 2.10
CA SER D 23 6.16 -16.53 0.93
C SER D 23 6.87 -17.83 1.33
N TRP D 24 7.08 -18.68 0.34
CA TRP D 24 7.62 -20.02 0.58
C TRP D 24 8.97 -20.17 -0.10
N ARG D 25 9.96 -20.64 0.65
CA ARG D 25 11.30 -20.89 0.15
C ARG D 25 11.67 -22.34 0.40
N HIS D 26 12.61 -22.83 -0.41
CA HIS D 26 13.08 -24.21 -0.32
C HIS D 26 14.61 -24.19 -0.32
N PRO D 27 15.27 -24.66 0.73
CA PRO D 27 16.75 -24.59 0.75
C PRO D 27 17.41 -25.34 -0.39
N THR D 28 16.78 -26.39 -0.91
CA THR D 28 17.38 -27.16 -1.99
C THR D 28 17.15 -26.51 -3.35
N MET D 29 15.95 -25.98 -3.58
CA MET D 29 15.57 -25.44 -4.88
C MET D 29 15.48 -23.92 -4.91
N GLY D 30 15.78 -23.25 -3.80
CA GLY D 30 15.60 -21.82 -3.73
C GLY D 30 14.15 -21.45 -3.46
N SER D 31 13.82 -20.20 -3.78
CA SER D 31 12.45 -19.73 -3.63
C SER D 31 11.61 -20.15 -4.84
N VAL D 32 10.37 -20.57 -4.58
CA VAL D 32 9.49 -20.96 -5.66
C VAL D 32 9.05 -19.74 -6.46
N PHE D 33 8.99 -18.57 -5.81
CA PHE D 33 8.66 -17.34 -6.53
C PHE D 33 9.78 -16.95 -7.49
N ILE D 34 11.01 -16.92 -6.99
CA ILE D 34 12.15 -16.56 -7.84
C ILE D 34 12.36 -17.59 -8.93
N GLY D 35 12.22 -18.87 -8.60
CA GLY D 35 12.40 -19.92 -9.60
C GLY D 35 11.35 -19.85 -10.70
N ARG D 36 10.10 -19.58 -10.33
CA ARG D 36 9.04 -19.46 -11.33
C ARG D 36 9.22 -18.22 -12.20
N LEU D 37 9.74 -17.14 -11.62
CA LEU D 37 9.93 -15.91 -12.39
C LEU D 37 11.02 -16.08 -13.43
N ILE D 38 12.11 -16.79 -13.09
CA ILE D 38 13.18 -17.01 -14.04
C ILE D 38 12.70 -17.87 -15.20
N GLU D 39 11.80 -18.83 -14.93
CA GLU D 39 11.30 -19.69 -16.00
C GLU D 39 10.56 -18.89 -17.06
N HIS D 40 9.71 -17.94 -16.64
CA HIS D 40 8.96 -17.14 -17.61
C HIS D 40 9.80 -16.02 -18.21
N MET D 41 10.79 -15.52 -17.46
CA MET D 41 11.71 -14.53 -18.02
C MET D 41 12.69 -15.16 -19.00
N GLN D 42 12.91 -16.47 -18.91
CA GLN D 42 13.76 -17.15 -19.88
C GLN D 42 12.99 -17.55 -21.14
N GLU D 43 11.67 -17.61 -21.08
CA GLU D 43 10.85 -18.08 -22.18
C GLU D 43 10.00 -16.99 -22.83
N TYR D 44 9.36 -16.14 -22.03
CA TYR D 44 8.39 -15.18 -22.54
C TYR D 44 8.92 -13.75 -22.56
N ALA D 45 10.21 -13.55 -22.25
CA ALA D 45 10.76 -12.19 -22.29
C ALA D 45 10.79 -11.64 -23.71
N CYS D 46 10.97 -12.50 -24.71
CA CYS D 46 11.02 -12.04 -26.09
C CYS D 46 9.62 -11.76 -26.64
N SER D 47 8.63 -12.54 -26.21
CA SER D 47 7.28 -12.43 -26.76
C SER D 47 6.41 -11.43 -26.03
N CYS D 48 6.53 -11.34 -24.71
CA CYS D 48 5.64 -10.54 -23.89
C CYS D 48 6.41 -9.45 -23.14
N ASP D 49 5.71 -8.36 -22.85
CA ASP D 49 6.28 -7.29 -22.05
C ASP D 49 6.33 -7.71 -20.58
N VAL D 50 6.96 -6.86 -19.77
CA VAL D 50 7.22 -7.21 -18.37
C VAL D 50 5.91 -7.30 -17.58
N GLU D 51 4.91 -6.47 -17.91
CA GLU D 51 3.65 -6.53 -17.18
C GLU D 51 2.93 -7.84 -17.41
N GLU D 52 2.95 -8.35 -18.65
CA GLU D 52 2.27 -9.62 -18.93
C GLU D 52 3.07 -10.81 -18.43
N ILE D 53 4.40 -10.72 -18.42
CA ILE D 53 5.22 -11.77 -17.83
C ILE D 53 4.86 -11.97 -16.37
N PHE D 54 4.65 -10.86 -15.64
CA PHE D 54 4.23 -10.97 -14.24
C PHE D 54 2.85 -11.59 -14.12
N ARG D 55 1.98 -11.37 -15.11
CA ARG D 55 0.65 -11.99 -15.07
C ARG D 55 0.72 -13.48 -15.36
N LYS D 56 1.65 -13.92 -16.20
CA LYS D 56 1.76 -15.34 -16.51
C LYS D 56 2.40 -16.11 -15.35
N VAL D 57 3.40 -15.51 -14.70
CA VAL D 57 3.91 -16.09 -13.45
C VAL D 57 2.80 -16.16 -12.42
N ARG D 58 1.96 -15.13 -12.36
CA ARG D 58 0.82 -15.13 -11.45
C ARG D 58 -0.18 -16.21 -11.82
N PHE D 59 -0.37 -16.46 -13.12
CA PHE D 59 -1.28 -17.52 -13.55
C PHE D 59 -0.77 -18.90 -13.15
N SER D 60 0.55 -19.07 -13.08
CA SER D 60 1.13 -20.35 -12.67
C SER D 60 0.93 -20.64 -11.20
N PHE D 61 0.32 -19.72 -10.43
CA PHE D 61 -0.02 -19.95 -9.04
C PHE D 61 -1.52 -19.95 -8.81
N GLU D 62 -2.31 -20.13 -9.87
CA GLU D 62 -3.77 -20.10 -9.73
C GLU D 62 -4.26 -21.21 -8.81
N GLN D 63 -3.62 -22.37 -8.85
CA GLN D 63 -4.01 -23.49 -8.01
C GLN D 63 -3.07 -23.61 -6.84
N PRO D 64 -3.53 -23.48 -5.60
CA PRO D 64 -2.64 -23.69 -4.45
C PRO D 64 -2.24 -25.15 -4.33
N ASP D 65 -0.95 -25.40 -4.12
CA ASP D 65 -0.40 -26.75 -4.07
C ASP D 65 0.42 -26.90 -2.79
N GLY D 66 -0.29 -27.01 -1.66
CA GLY D 66 0.35 -27.13 -0.36
C GLY D 66 0.86 -25.81 0.16
N ARG D 67 1.71 -25.14 -0.61
CA ARG D 67 2.24 -23.82 -0.28
C ARG D 67 1.65 -22.83 -1.26
N ALA D 68 0.74 -21.98 -0.77
CA ALA D 68 0.02 -21.04 -1.61
C ALA D 68 0.61 -19.64 -1.45
N GLN D 69 1.16 -19.11 -2.53
CA GLN D 69 1.65 -17.74 -2.57
C GLN D 69 1.22 -17.11 -3.88
N MET D 70 0.49 -15.99 -3.79
CA MET D 70 -0.03 -15.30 -4.97
C MET D 70 0.75 -14.01 -5.17
N PRO D 71 1.71 -13.98 -6.10
CA PRO D 71 2.48 -12.74 -6.30
C PRO D 71 1.59 -11.61 -6.79
N THR D 72 1.84 -10.41 -6.26
CA THR D 72 1.01 -9.23 -6.51
C THR D 72 1.85 -8.13 -7.14
N THR D 73 1.25 -7.43 -8.10
CA THR D 73 1.87 -6.27 -8.74
C THR D 73 1.25 -5.01 -8.13
N GLU D 74 2.10 -4.15 -7.57
CA GLU D 74 1.64 -2.95 -6.89
C GLU D 74 2.47 -1.74 -7.34
N ARG D 75 1.87 -0.56 -7.17
CA ARG D 75 2.52 0.71 -7.47
C ARG D 75 3.03 0.74 -8.91
N VAL D 76 2.10 0.61 -9.84
CA VAL D 76 2.41 0.58 -11.27
C VAL D 76 2.20 1.97 -11.84
N THR D 77 3.26 2.56 -12.37
CA THR D 77 3.19 3.86 -13.05
C THR D 77 3.79 3.80 -14.45
N LEU D 78 3.91 2.61 -15.02
CA LEU D 78 4.43 2.47 -16.38
C LEU D 78 3.46 3.10 -17.37
N THR D 79 3.96 4.06 -18.15
CA THR D 79 3.14 4.71 -19.17
C THR D 79 3.13 3.93 -20.48
N ARG D 80 4.20 3.21 -20.79
CA ARG D 80 4.31 2.40 -22.00
C ARG D 80 4.61 0.96 -21.63
N CYS D 81 4.67 0.10 -22.64
CA CYS D 81 4.96 -1.32 -22.43
C CYS D 81 6.46 -1.53 -22.41
N PHE D 82 6.97 -2.12 -21.33
CA PHE D 82 8.40 -2.40 -21.20
C PHE D 82 8.67 -3.74 -21.87
N TYR D 83 9.23 -3.70 -23.07
CA TYR D 83 9.57 -4.89 -23.83
C TYR D 83 11.08 -5.09 -23.79
N LEU D 84 11.51 -6.14 -23.10
CA LEU D 84 12.90 -6.56 -23.17
C LEU D 84 13.17 -7.24 -24.51
N PHE D 85 14.28 -6.87 -25.15
CA PHE D 85 14.69 -7.42 -26.43
C PHE D 85 16.03 -8.14 -26.24
N PRO D 86 16.00 -9.39 -25.77
CA PRO D 86 17.25 -10.13 -25.59
C PRO D 86 17.93 -10.38 -26.93
N GLY D 87 19.26 -10.19 -26.94
CA GLY D 87 20.02 -10.22 -28.16
C GLY D 87 20.13 -8.88 -28.87
N HIS D 88 19.34 -7.90 -28.47
CA HIS D 88 19.42 -6.56 -29.05
C HIS D 88 20.11 -5.61 -28.07
N PHE E 1 -3.44 -23.60 30.21
CA PHE E 1 -3.82 -22.21 30.43
C PHE E 1 -4.42 -22.03 31.82
N THR E 2 -5.44 -21.20 31.94
CA THR E 2 -6.09 -20.95 33.21
C THR E 2 -7.39 -21.74 33.31
N GLU E 3 -7.80 -22.01 34.55
CA GLU E 3 -9.08 -22.65 34.84
C GLU E 3 -10.20 -21.64 35.06
N ASP E 4 -9.99 -20.39 34.66
CA ASP E 4 -10.99 -19.34 34.83
C ASP E 4 -11.89 -19.31 33.59
N PHE E 5 -12.67 -18.25 33.46
CA PHE E 5 -13.46 -18.02 32.26
C PHE E 5 -12.68 -17.34 31.15
N GLN E 6 -11.73 -16.46 31.52
CA GLN E 6 -10.87 -15.85 30.51
C GLN E 6 -9.91 -16.87 29.91
N GLY E 7 -9.53 -17.88 30.68
CA GLY E 7 -8.75 -18.97 30.11
C GLY E 7 -9.58 -19.88 29.24
N LEU E 8 -10.89 -19.96 29.49
CA LEU E 8 -11.79 -20.68 28.60
C LEU E 8 -12.12 -19.84 27.37
N ARG E 9 -12.28 -18.53 27.54
CA ARG E 9 -12.54 -17.65 26.41
C ARG E 9 -11.42 -17.71 25.38
N ALA E 10 -10.16 -17.68 25.85
CA ALA E 10 -9.04 -17.78 24.93
C ALA E 10 -8.94 -19.18 24.34
N GLU E 11 -9.31 -20.21 25.11
CA GLU E 11 -9.33 -21.56 24.57
C GLU E 11 -10.37 -21.70 23.47
N VAL E 12 -11.52 -21.05 23.62
CA VAL E 12 -12.60 -21.17 22.66
C VAL E 12 -12.32 -20.31 21.43
N GLU E 13 -11.93 -19.05 21.64
CA GLU E 13 -11.78 -18.13 20.52
C GLU E 13 -10.58 -18.47 19.63
N THR E 14 -9.64 -19.28 20.12
CA THR E 14 -8.59 -19.78 19.24
C THR E 14 -9.13 -20.80 18.25
N ILE E 15 -10.28 -21.42 18.56
CA ILE E 15 -10.92 -22.31 17.60
C ILE E 15 -11.74 -21.52 16.59
N SER E 16 -12.21 -20.33 16.97
CA SER E 16 -12.99 -19.49 16.07
C SER E 16 -12.12 -18.55 15.24
N LYS E 17 -11.02 -18.06 15.80
CA LYS E 17 -10.18 -17.09 15.09
C LYS E 17 -9.59 -17.70 13.83
N GLU E 18 -9.17 -18.96 13.89
CA GLU E 18 -8.66 -19.65 12.72
C GLU E 18 -9.74 -20.40 11.95
N LEU E 19 -10.96 -20.43 12.46
CA LEU E 19 -12.09 -20.96 11.68
C LEU E 19 -12.53 -20.00 10.60
N GLU E 20 -11.88 -18.83 10.47
CA GLU E 20 -12.15 -17.94 9.35
C GLU E 20 -11.76 -18.56 8.02
N LEU E 21 -10.97 -19.63 8.04
CA LEU E 21 -10.65 -20.37 6.82
C LEU E 21 -11.89 -20.95 6.16
N LEU E 22 -13.02 -21.01 6.88
CA LEU E 22 -14.28 -21.45 6.29
C LEU E 22 -14.94 -20.28 5.57
N ASP E 23 -15.44 -20.53 4.36
CA ASP E 23 -16.02 -19.46 3.56
C ASP E 23 -17.45 -19.16 3.98
N ARG E 24 -17.95 -18.03 3.50
CA ARG E 24 -19.33 -17.64 3.77
C ARG E 24 -20.31 -18.67 3.22
N GLU E 25 -19.98 -19.27 2.07
CA GLU E 25 -20.83 -20.31 1.51
C GLU E 25 -20.84 -21.54 2.41
N LEU E 26 -19.65 -22.00 2.83
CA LEU E 26 -19.57 -23.18 3.67
C LEU E 26 -20.11 -22.94 5.08
N CYS E 27 -19.99 -21.70 5.58
CA CYS E 27 -20.49 -21.40 6.91
C CYS E 27 -21.99 -21.64 7.01
N GLN E 28 -22.75 -21.16 6.02
CA GLN E 28 -24.18 -21.35 6.04
C GLN E 28 -24.55 -22.80 5.76
N LEU E 29 -23.71 -23.53 5.02
CA LEU E 29 -23.97 -24.95 4.80
C LEU E 29 -23.67 -25.76 6.05
N LEU E 30 -22.56 -25.47 6.72
CA LEU E 30 -22.27 -26.12 7.99
C LEU E 30 -23.31 -25.77 9.04
N LEU E 31 -23.88 -24.56 8.98
CA LEU E 31 -24.92 -24.16 9.91
C LEU E 31 -26.22 -24.89 9.64
N GLU E 32 -26.60 -25.03 8.36
CA GLU E 32 -27.81 -25.76 8.02
C GLU E 32 -27.68 -27.25 8.34
N GLY E 33 -26.46 -27.77 8.36
CA GLY E 33 -26.23 -29.16 8.72
C GLY E 33 -26.26 -29.38 10.22
N LEU E 34 -25.57 -28.51 10.97
CA LEU E 34 -25.55 -28.64 12.42
C LEU E 34 -26.94 -28.41 13.01
N GLU E 35 -27.80 -27.65 12.32
CA GLU E 35 -29.16 -27.46 12.80
C GLU E 35 -29.94 -28.77 12.78
N GLY E 36 -29.81 -29.55 11.71
CA GLY E 36 -30.49 -30.83 11.65
C GLY E 36 -29.83 -31.89 12.52
N VAL E 37 -28.53 -31.79 12.74
CA VAL E 37 -27.83 -32.73 13.60
C VAL E 37 -28.27 -32.54 15.05
N LEU E 38 -28.44 -31.29 15.48
CA LEU E 38 -28.91 -31.01 16.83
C LEU E 38 -30.36 -31.44 17.05
N ARG E 39 -31.07 -31.84 16.01
CA ARG E 39 -32.43 -32.33 16.12
C ARG E 39 -32.53 -33.84 16.09
N ASP E 40 -31.40 -34.55 15.96
CA ASP E 40 -31.39 -35.99 15.83
C ASP E 40 -30.35 -36.58 16.76
N GLN E 41 -30.79 -37.44 17.68
CA GLN E 41 -29.85 -38.13 18.57
C GLN E 41 -28.95 -39.07 17.80
N LEU E 42 -29.45 -39.68 16.72
CA LEU E 42 -28.68 -40.66 15.97
C LEU E 42 -27.65 -39.97 15.07
N ALA E 43 -28.03 -38.86 14.43
CA ALA E 43 -27.11 -38.19 13.51
C ALA E 43 -25.92 -37.59 14.24
N LEU E 44 -26.10 -37.14 15.48
CA LEU E 44 -24.99 -36.59 16.24
C LEU E 44 -23.98 -37.67 16.61
N ARG E 45 -24.47 -38.85 17.00
CA ARG E 45 -23.56 -39.96 17.29
C ARG E 45 -22.92 -40.51 16.02
N ALA E 46 -23.68 -40.57 14.93
CA ALA E 46 -23.10 -41.05 13.67
C ALA E 46 -22.03 -40.11 13.16
N LEU E 47 -22.25 -38.80 13.30
CA LEU E 47 -21.26 -37.82 12.85
C LEU E 47 -20.01 -37.87 13.73
N GLU E 48 -20.20 -38.00 15.05
CA GLU E 48 -19.06 -38.02 15.96
C GLU E 48 -18.19 -39.26 15.76
N GLU E 49 -18.82 -40.41 15.49
CA GLU E 49 -18.05 -41.62 15.22
C GLU E 49 -17.31 -41.52 13.90
N ALA E 50 -17.87 -40.80 12.92
CA ALA E 50 -17.21 -40.66 11.62
C ALA E 50 -15.96 -39.80 11.72
N LEU E 51 -16.05 -38.66 12.43
CA LEU E 51 -14.89 -37.80 12.62
C LEU E 51 -13.83 -38.49 13.46
N GLU E 52 -14.23 -39.05 14.61
CA GLU E 52 -13.35 -39.81 15.49
C GLU E 52 -12.13 -38.99 15.90
N GLN E 53 -12.39 -37.78 16.40
CA GLN E 53 -11.35 -36.85 16.84
C GLN E 53 -10.32 -36.62 15.74
N LEU E 57 -7.12 -39.65 9.41
CA LEU E 57 -6.08 -40.45 8.78
C LEU E 57 -6.62 -41.13 7.52
N GLY E 58 -7.70 -41.88 7.67
CA GLY E 58 -8.33 -42.55 6.56
C GLY E 58 -9.55 -41.79 6.07
N PRO E 59 -9.90 -41.94 4.80
CA PRO E 59 -11.07 -41.24 4.27
C PRO E 59 -12.36 -41.76 4.89
N VAL E 60 -13.28 -40.84 5.16
CA VAL E 60 -14.53 -41.14 5.82
C VAL E 60 -15.61 -41.35 4.77
N GLU E 61 -16.42 -42.39 4.97
CA GLU E 61 -17.49 -42.70 4.03
C GLU E 61 -18.62 -41.68 4.15
N PRO E 62 -19.26 -41.34 3.04
CA PRO E 62 -20.40 -40.40 3.10
C PRO E 62 -21.54 -40.98 3.90
N LEU E 63 -22.21 -40.11 4.66
CA LEU E 63 -23.35 -40.48 5.48
C LEU E 63 -24.63 -39.92 4.88
N ASP E 64 -25.76 -40.31 5.49
CA ASP E 64 -27.07 -39.86 5.05
C ASP E 64 -27.71 -38.98 6.11
N GLY E 65 -28.60 -38.10 5.67
CA GLY E 65 -29.31 -37.22 6.58
C GLY E 65 -28.49 -36.01 6.98
N PRO E 66 -28.86 -35.38 8.09
CA PRO E 66 -28.10 -34.19 8.55
C PRO E 66 -26.67 -34.51 8.90
N ALA E 67 -26.37 -35.75 9.29
CA ALA E 67 -24.98 -36.12 9.59
C ALA E 67 -24.11 -36.04 8.34
N GLY E 68 -24.63 -36.51 7.21
CA GLY E 68 -23.89 -36.40 5.96
C GLY E 68 -23.78 -34.97 5.46
N ALA E 69 -24.75 -34.12 5.80
CA ALA E 69 -24.69 -32.73 5.38
C ALA E 69 -23.51 -32.01 6.01
N VAL E 70 -23.21 -32.31 7.28
CA VAL E 70 -22.06 -31.71 7.94
C VAL E 70 -20.76 -32.31 7.39
N LEU E 71 -20.74 -33.63 7.19
CA LEU E 71 -19.51 -34.29 6.76
C LEU E 71 -19.14 -33.91 5.33
N GLU E 72 -20.14 -33.63 4.48
CA GLU E 72 -19.85 -33.18 3.13
C GLU E 72 -19.30 -31.76 3.09
N CYS E 73 -19.13 -31.11 4.25
CA CYS E 73 -18.54 -29.78 4.32
C CYS E 73 -17.13 -29.80 4.91
N LEU E 74 -16.54 -30.99 5.10
CA LEU E 74 -15.26 -31.08 5.79
C LEU E 74 -14.31 -32.09 5.16
N VAL E 75 -14.60 -32.61 3.97
CA VAL E 75 -13.76 -33.62 3.34
C VAL E 75 -13.37 -33.14 1.95
N LEU E 76 -12.23 -33.65 1.47
CA LEU E 76 -11.77 -33.38 0.12
C LEU E 76 -12.62 -34.17 -0.87
N SER E 77 -12.19 -34.20 -2.13
CA SER E 77 -12.89 -35.01 -3.13
C SER E 77 -12.74 -36.50 -2.82
N SER E 78 -11.57 -36.90 -2.33
CA SER E 78 -11.29 -38.30 -2.03
C SER E 78 -11.87 -38.75 -0.70
N GLY E 79 -12.55 -37.87 0.04
CA GLY E 79 -13.09 -38.22 1.33
C GLY E 79 -12.14 -38.02 2.50
N MET E 80 -10.91 -37.60 2.24
CA MET E 80 -9.96 -37.35 3.32
C MET E 80 -10.38 -36.14 4.13
N LEU E 81 -10.29 -36.26 5.46
CA LEU E 81 -10.60 -35.15 6.33
C LEU E 81 -9.48 -34.11 6.29
N VAL E 82 -9.87 -32.84 6.14
CA VAL E 82 -8.92 -31.75 6.22
C VAL E 82 -8.72 -31.39 7.69
N PRO E 83 -7.54 -31.65 8.26
CA PRO E 83 -7.35 -31.40 9.70
C PRO E 83 -7.44 -29.94 10.09
N GLU E 84 -7.29 -29.01 9.14
CA GLU E 84 -7.39 -27.59 9.46
C GLU E 84 -8.82 -27.19 9.83
N LEU E 85 -9.83 -27.94 9.37
CA LEU E 85 -11.22 -27.62 9.63
C LEU E 85 -11.98 -28.68 10.41
N ALA E 86 -11.53 -29.94 10.39
CA ALA E 86 -12.26 -30.99 11.09
C ALA E 86 -12.07 -30.92 12.59
N ILE E 87 -10.91 -30.46 13.05
CA ILE E 87 -10.62 -30.34 14.48
C ILE E 87 -11.48 -29.27 15.13
N PRO E 88 -11.67 -28.09 14.52
CA PRO E 88 -12.64 -27.14 15.09
C PRO E 88 -14.04 -27.71 15.22
N VAL E 89 -14.46 -28.58 14.30
CA VAL E 89 -15.79 -29.17 14.38
C VAL E 89 -15.84 -30.25 15.45
N VAL E 90 -14.78 -31.05 15.57
CA VAL E 90 -14.76 -32.09 16.59
C VAL E 90 -14.62 -31.50 17.98
N TYR E 91 -14.16 -30.24 18.09
CA TYR E 91 -14.21 -29.55 19.36
C TYR E 91 -15.62 -29.06 19.68
N LEU E 92 -16.40 -28.72 18.65
CA LEU E 92 -17.79 -28.36 18.86
C LEU E 92 -18.61 -29.56 19.32
N LEU E 93 -18.43 -30.70 18.64
CA LEU E 93 -19.13 -31.91 19.05
C LEU E 93 -18.66 -32.39 20.41
N GLY E 94 -17.38 -32.20 20.72
CA GLY E 94 -16.88 -32.54 22.05
C GLY E 94 -17.54 -31.72 23.14
N ALA E 95 -18.04 -30.53 22.79
CA ALA E 95 -18.81 -29.72 23.73
C ALA E 95 -20.30 -30.02 23.69
N LEU E 96 -20.77 -30.69 22.65
CA LEU E 96 -22.18 -31.07 22.55
C LEU E 96 -22.50 -32.40 23.22
N THR E 97 -21.50 -33.28 23.36
CA THR E 97 -21.73 -34.53 24.08
C THR E 97 -22.00 -34.28 25.56
N MET E 98 -21.47 -33.20 26.11
CA MET E 98 -21.69 -32.84 27.50
C MET E 98 -23.01 -32.13 27.73
N LEU E 99 -23.82 -31.95 26.70
CA LEU E 99 -25.11 -31.29 26.80
C LEU E 99 -26.24 -32.30 26.65
N SER E 100 -27.38 -31.99 27.27
CA SER E 100 -28.54 -32.85 27.19
C SER E 100 -29.22 -32.69 25.84
N GLU E 101 -30.12 -33.64 25.53
CA GLU E 101 -30.85 -33.55 24.27
C GLU E 101 -31.87 -32.41 24.29
N THR E 102 -32.33 -32.02 25.48
CA THR E 102 -33.22 -30.87 25.58
C THR E 102 -32.50 -29.59 25.19
N GLN E 103 -31.25 -29.43 25.63
CA GLN E 103 -30.46 -28.27 25.23
C GLN E 103 -30.11 -28.32 23.75
N HIS E 104 -29.95 -29.52 23.19
CA HIS E 104 -29.64 -29.63 21.76
C HIS E 104 -30.78 -29.11 20.91
N LYS E 105 -32.03 -29.38 21.31
CA LYS E 105 -33.17 -28.90 20.54
C LYS E 105 -33.31 -27.39 20.63
N LEU E 106 -33.08 -26.82 21.81
CA LEU E 106 -33.18 -25.38 21.99
C LEU E 106 -32.04 -24.65 21.29
N LEU E 107 -30.92 -25.32 21.02
CA LEU E 107 -29.91 -24.73 20.15
C LEU E 107 -30.37 -24.71 18.71
N ALA E 108 -31.14 -25.73 18.29
CA ALA E 108 -31.68 -25.74 16.94
C ALA E 108 -32.73 -24.65 16.74
N GLU E 109 -33.49 -24.33 17.79
CA GLU E 109 -34.42 -23.19 17.70
C GLU E 109 -33.65 -21.88 17.63
N ALA E 110 -32.54 -21.77 18.37
CA ALA E 110 -31.75 -20.55 18.34
C ALA E 110 -31.03 -20.39 17.00
N LEU E 111 -30.53 -21.49 16.44
CA LEU E 111 -29.88 -21.42 15.13
C LEU E 111 -30.87 -21.09 14.02
N GLU E 112 -32.13 -21.51 14.18
CA GLU E 112 -33.12 -21.31 13.13
C GLU E 112 -33.65 -19.88 13.11
N SER E 113 -34.05 -19.37 14.26
CA SER E 113 -34.66 -18.05 14.35
C SER E 113 -33.64 -16.93 14.58
N GLN E 114 -32.36 -17.23 14.46
CA GLN E 114 -31.28 -16.23 14.62
C GLN E 114 -31.37 -15.55 15.99
N THR E 115 -31.22 -16.38 17.03
CA THR E 115 -31.31 -15.91 18.41
C THR E 115 -30.21 -16.55 19.26
N LEU E 116 -28.98 -16.54 18.74
CA LEU E 116 -27.85 -17.05 19.50
C LEU E 116 -27.35 -16.02 20.51
N LEU E 117 -27.34 -14.74 20.13
CA LEU E 117 -26.80 -13.68 20.98
C LEU E 117 -27.62 -13.45 22.23
N GLY E 118 -28.82 -14.02 22.33
CA GLY E 118 -29.64 -13.91 23.51
C GLY E 118 -28.97 -14.49 24.75
N PRO E 119 -28.88 -15.82 24.80
CA PRO E 119 -28.22 -16.48 25.95
C PRO E 119 -26.74 -16.73 25.79
N LEU E 120 -26.12 -16.27 24.70
CA LEU E 120 -24.67 -16.39 24.57
C LEU E 120 -23.95 -15.53 25.61
N GLU E 121 -24.31 -14.26 25.68
CA GLU E 121 -23.71 -13.38 26.69
C GLU E 121 -24.26 -13.64 28.08
N LEU E 122 -25.50 -14.15 28.17
CA LEU E 122 -26.07 -14.49 29.46
C LEU E 122 -25.26 -15.59 30.13
N VAL E 123 -24.97 -16.66 29.39
CA VAL E 123 -24.10 -17.71 29.92
C VAL E 123 -22.68 -17.18 30.12
N GLY E 124 -22.22 -16.30 29.22
CA GLY E 124 -20.89 -15.75 29.35
C GLY E 124 -20.75 -14.86 30.57
N SER E 125 -21.77 -14.03 30.85
CA SER E 125 -21.72 -13.19 32.03
C SER E 125 -21.89 -13.99 33.31
N LEU E 126 -22.63 -15.10 33.25
CA LEU E 126 -22.79 -15.95 34.42
C LEU E 126 -21.53 -16.74 34.72
N LEU E 127 -20.74 -17.07 33.69
CA LEU E 127 -19.50 -17.81 33.91
C LEU E 127 -18.37 -16.94 34.41
N GLU E 128 -18.43 -15.63 34.18
CA GLU E 128 -17.39 -14.73 34.64
C GLU E 128 -17.67 -14.17 36.03
N GLN E 129 -18.93 -13.94 36.37
CA GLN E 129 -19.28 -13.43 37.69
C GLN E 129 -19.41 -14.53 38.73
N SER E 130 -19.37 -15.80 38.34
CA SER E 130 -19.45 -16.93 39.26
C SER E 130 -18.08 -17.44 39.69
N ALA E 131 -17.03 -16.65 39.48
CA ALA E 131 -15.70 -17.07 39.93
C ALA E 131 -15.56 -16.82 41.43
N PRO E 132 -14.99 -17.78 42.18
CA PRO E 132 -14.49 -19.06 41.68
C PRO E 132 -15.58 -20.11 41.47
N TRP E 133 -15.35 -21.05 40.56
CA TRP E 133 -16.31 -22.08 40.24
C TRP E 133 -16.48 -23.10 41.36
N GLN E 134 -15.62 -23.08 42.37
CA GLN E 134 -15.64 -24.08 43.43
C GLN E 134 -16.60 -23.74 44.56
N GLU E 135 -17.24 -22.59 44.52
CA GLU E 135 -18.10 -22.14 45.61
C GLU E 135 -19.51 -21.87 45.12
N ARG E 136 -20.49 -22.17 45.97
CA ARG E 136 -21.88 -21.82 45.71
C ARG E 136 -22.08 -20.34 46.02
N SER E 137 -22.51 -19.58 45.02
CA SER E 137 -22.72 -18.15 45.17
C SER E 137 -24.11 -17.79 44.67
N THR E 138 -24.76 -16.85 45.36
CA THR E 138 -26.10 -16.38 45.02
C THR E 138 -25.95 -15.13 44.17
N MET E 139 -26.16 -15.27 42.86
CA MET E 139 -26.06 -14.18 41.91
C MET E 139 -27.45 -13.76 41.46
N SER E 140 -27.50 -12.75 40.60
CA SER E 140 -28.75 -12.25 40.04
C SER E 140 -28.44 -11.57 38.72
N LEU E 141 -29.02 -12.07 37.63
CA LEU E 141 -28.79 -11.45 36.34
C LEU E 141 -29.39 -10.04 36.30
N PRO E 142 -28.81 -9.14 35.51
CA PRO E 142 -29.35 -7.79 35.41
C PRO E 142 -30.49 -7.73 34.42
N PRO E 143 -31.28 -6.65 34.43
CA PRO E 143 -32.27 -6.46 33.36
C PRO E 143 -31.66 -6.21 31.99
N GLY E 144 -30.36 -5.89 31.93
CA GLY E 144 -29.71 -5.70 30.65
C GLY E 144 -29.59 -6.99 29.86
N LEU E 145 -29.53 -8.12 30.57
CA LEU E 145 -29.55 -9.41 29.84
C LEU E 145 -30.98 -9.90 29.91
N LEU E 146 -31.71 -9.66 28.82
CA LEU E 146 -33.11 -10.09 28.71
C LEU E 146 -33.95 -9.60 29.89
N GLY E 147 -34.72 -10.50 30.51
CA GLY E 147 -35.64 -10.15 31.61
C GLY E 147 -37.07 -10.16 31.10
N ASN E 148 -37.23 -10.04 29.79
CA ASN E 148 -38.54 -10.30 29.20
C ASN E 148 -38.74 -11.78 28.91
N SER E 149 -37.72 -12.43 28.32
CA SER E 149 -37.82 -13.86 28.06
C SER E 149 -37.80 -14.70 29.33
N TRP E 150 -37.26 -14.16 30.42
CA TRP E 150 -37.10 -14.93 31.64
C TRP E 150 -38.45 -15.46 32.15
N GLY E 151 -38.40 -16.65 32.75
CA GLY E 151 -39.60 -17.30 33.25
C GLY E 151 -39.52 -18.81 33.08
N GLU E 152 -40.45 -19.54 33.69
CA GLU E 152 -40.42 -21.00 33.61
C GLU E 152 -40.71 -21.45 32.18
N GLY E 153 -39.94 -22.45 31.73
CA GLY E 153 -40.08 -22.99 30.40
C GLY E 153 -39.47 -22.15 29.30
N ALA E 154 -38.77 -21.07 29.63
CA ALA E 154 -38.17 -20.18 28.65
C ALA E 154 -36.91 -20.81 28.06
N PRO E 155 -36.55 -20.43 26.82
CA PRO E 155 -35.31 -20.96 26.24
C PRO E 155 -34.08 -20.65 27.07
N ALA E 156 -33.98 -19.44 27.62
CA ALA E 156 -32.85 -19.11 28.49
C ALA E 156 -32.96 -19.78 29.85
N TRP E 157 -34.18 -20.16 30.26
CA TRP E 157 -34.38 -20.84 31.53
C TRP E 157 -34.00 -22.32 31.42
N VAL E 158 -34.50 -23.01 30.40
CA VAL E 158 -34.25 -24.43 30.26
C VAL E 158 -32.77 -24.70 30.01
N LEU E 159 -32.10 -23.81 29.29
CA LEU E 159 -30.68 -24.02 29.00
C LEU E 159 -29.83 -23.97 30.26
N LEU E 160 -30.25 -23.19 31.26
CA LEU E 160 -29.52 -23.10 32.51
C LEU E 160 -29.97 -24.12 33.54
N ASP E 161 -31.26 -24.47 33.54
CA ASP E 161 -31.74 -25.49 34.47
C ASP E 161 -31.16 -26.86 34.14
N GLU E 162 -30.99 -27.15 32.85
CA GLU E 162 -30.40 -28.43 32.44
C GLU E 162 -28.90 -28.50 32.70
N CYS E 163 -28.27 -27.39 33.10
CA CYS E 163 -26.85 -27.43 33.44
C CYS E 163 -26.62 -27.87 34.88
N GLY E 164 -27.57 -27.56 35.78
CA GLY E 164 -27.44 -27.91 37.17
C GLY E 164 -27.74 -26.74 38.09
N LEU E 165 -28.11 -25.60 37.50
CA LEU E 165 -28.42 -24.41 38.26
C LEU E 165 -29.85 -24.44 38.75
N GLU E 166 -30.06 -23.99 39.99
CA GLU E 166 -31.39 -23.83 40.56
C GLU E 166 -31.85 -22.40 40.29
N LEU E 167 -32.75 -22.23 39.35
CA LEU E 167 -33.17 -20.91 38.91
C LEU E 167 -34.32 -20.39 39.76
N GLY E 168 -34.44 -19.07 39.80
CA GLY E 168 -35.51 -18.40 40.50
C GLY E 168 -36.12 -17.27 39.69
N GLU E 169 -37.44 -17.12 39.76
CA GLU E 169 -38.11 -16.09 38.98
C GLU E 169 -37.88 -14.70 39.58
N ASP E 170 -37.87 -14.60 40.90
CA ASP E 170 -37.73 -13.35 41.63
C ASP E 170 -36.47 -13.42 42.49
N THR E 171 -36.23 -12.38 43.29
CA THR E 171 -35.06 -12.41 44.20
C THR E 171 -33.77 -12.47 43.40
N PRO E 172 -32.72 -13.21 43.88
CA PRO E 172 -31.51 -13.50 43.13
C PRO E 172 -32.00 -14.68 42.30
N HIS E 173 -32.00 -14.46 41.00
CA HIS E 173 -32.55 -15.39 39.98
C HIS E 173 -31.72 -16.68 39.82
N VAL E 174 -30.41 -16.64 39.96
CA VAL E 174 -29.61 -17.80 39.63
C VAL E 174 -28.73 -18.15 40.83
N CYS E 175 -28.63 -19.45 41.13
CA CYS E 175 -27.77 -19.97 42.19
C CYS E 175 -26.76 -20.90 41.55
N TRP E 176 -25.48 -20.52 41.61
CA TRP E 176 -24.42 -21.26 40.93
C TRP E 176 -23.94 -22.42 41.81
N GLU E 177 -24.04 -23.64 41.27
CA GLU E 177 -23.55 -24.86 41.90
C GLU E 177 -22.30 -25.35 41.19
N PRO E 178 -21.26 -25.76 41.93
CA PRO E 178 -20.01 -26.17 41.28
C PRO E 178 -20.15 -27.39 40.38
N GLN E 179 -21.21 -28.19 40.53
CA GLN E 179 -21.38 -29.37 39.70
C GLN E 179 -21.82 -29.01 38.28
N ALA E 180 -22.33 -27.79 38.07
CA ALA E 180 -22.73 -27.34 36.75
C ALA E 180 -21.59 -26.72 35.96
N GLN E 181 -20.35 -26.85 36.44
CA GLN E 181 -19.22 -26.20 35.78
C GLN E 181 -18.93 -26.82 34.41
N GLY E 182 -18.97 -28.15 34.33
CA GLY E 182 -18.62 -28.81 33.08
C GLY E 182 -19.60 -28.50 31.96
N ARG E 183 -20.90 -28.49 32.28
CA ARG E 183 -21.91 -28.25 31.25
C ARG E 183 -22.03 -26.77 30.90
N MET E 184 -21.78 -25.88 31.86
CA MET E 184 -21.84 -24.45 31.56
C MET E 184 -20.73 -24.04 30.62
N CYS E 185 -19.51 -24.55 30.83
CA CYS E 185 -18.41 -24.26 29.92
C CYS E 185 -18.67 -24.84 28.54
N ALA E 186 -19.30 -26.02 28.48
CA ALA E 186 -19.64 -26.61 27.19
C ALA E 186 -20.80 -25.87 26.51
N LEU E 187 -21.74 -25.35 27.30
CA LEU E 187 -22.84 -24.59 26.72
C LEU E 187 -22.34 -23.27 26.15
N TYR E 188 -21.37 -22.64 26.82
CA TYR E 188 -20.78 -21.42 26.28
C TYR E 188 -19.94 -21.72 25.04
N ALA E 189 -19.18 -22.81 25.06
CA ALA E 189 -18.36 -23.17 23.91
C ALA E 189 -19.23 -23.45 22.68
N SER E 190 -20.39 -24.09 22.89
CA SER E 190 -21.29 -24.37 21.78
C SER E 190 -21.85 -23.06 21.20
N LEU E 191 -22.31 -22.16 22.08
CA LEU E 191 -22.89 -20.91 21.62
C LEU E 191 -21.84 -19.98 21.02
N ALA E 192 -20.62 -20.01 21.55
CA ALA E 192 -19.57 -19.13 21.03
C ALA E 192 -19.07 -19.60 19.67
N LEU E 193 -18.84 -20.90 19.51
CA LEU E 193 -18.37 -21.42 18.23
C LEU E 193 -19.44 -21.28 17.14
N LEU E 194 -20.71 -21.52 17.50
CA LEU E 194 -21.78 -21.36 16.52
C LEU E 194 -21.98 -19.90 16.14
N SER E 195 -21.76 -18.98 17.08
CA SER E 195 -21.87 -17.56 16.75
C SER E 195 -20.75 -17.12 15.82
N GLY E 196 -19.54 -17.67 16.00
CA GLY E 196 -18.46 -17.36 15.08
C GLY E 196 -18.72 -17.88 13.69
N LEU E 197 -19.37 -19.05 13.58
CA LEU E 197 -19.76 -19.58 12.28
C LEU E 197 -20.89 -18.77 11.64
N SER E 198 -21.57 -17.94 12.41
CA SER E 198 -22.68 -17.13 11.90
C SER E 198 -22.18 -15.81 11.34
N PHE F 1 5.31 35.62 11.92
CA PHE F 1 5.70 34.85 13.10
C PHE F 1 6.38 35.74 14.14
N THR F 2 7.40 35.19 14.80
CA THR F 2 8.09 35.87 15.88
C THR F 2 9.25 36.70 15.34
N GLU F 3 9.82 37.52 16.22
CA GLU F 3 11.08 38.21 15.96
C GLU F 3 12.28 37.44 16.50
N ASP F 4 12.07 36.23 16.99
CA ASP F 4 13.12 35.42 17.58
C ASP F 4 13.78 34.55 16.51
N PHE F 5 14.66 33.65 16.93
CA PHE F 5 15.24 32.68 16.01
C PHE F 5 14.26 31.58 15.65
N GLN F 6 13.28 31.31 16.52
CA GLN F 6 12.26 30.32 16.20
C GLN F 6 11.42 30.77 15.02
N GLY F 7 11.13 32.07 14.92
CA GLY F 7 10.41 32.59 13.77
C GLY F 7 11.26 32.79 12.54
N LEU F 8 12.57 32.94 12.70
CA LEU F 8 13.46 33.07 11.55
C LEU F 8 13.64 31.74 10.83
N ARG F 9 13.96 30.68 11.59
CA ARG F 9 14.15 29.38 10.98
C ARG F 9 12.85 28.80 10.43
N ALA F 10 11.70 29.24 10.96
CA ALA F 10 10.42 28.81 10.39
C ALA F 10 10.20 29.44 9.01
N GLU F 11 10.67 30.67 8.83
CA GLU F 11 10.57 31.32 7.52
C GLU F 11 11.56 30.74 6.53
N VAL F 12 12.73 30.31 7.00
CA VAL F 12 13.74 29.73 6.11
C VAL F 12 13.35 28.31 5.73
N GLU F 13 12.76 27.55 6.66
CA GLU F 13 12.37 26.18 6.35
C GLU F 13 11.33 26.12 5.24
N THR F 14 10.39 27.08 5.23
CA THR F 14 9.40 27.11 4.17
C THR F 14 10.02 27.49 2.82
N ILE F 15 11.03 28.35 2.83
CA ILE F 15 11.75 28.67 1.60
C ILE F 15 12.60 27.47 1.17
N SER F 16 13.17 26.75 2.12
CA SER F 16 13.99 25.59 1.79
C SER F 16 13.14 24.44 1.27
N LYS F 17 11.96 24.23 1.86
CA LYS F 17 11.05 23.22 1.34
C LYS F 17 10.44 23.65 0.00
N GLU F 18 10.39 24.95 -0.26
CA GLU F 18 9.96 25.42 -1.58
C GLU F 18 10.98 25.07 -2.66
N LEU F 19 12.25 24.99 -2.28
CA LEU F 19 13.31 24.61 -3.20
C LEU F 19 13.42 23.10 -3.41
N GLU F 20 12.53 22.31 -2.79
CA GLU F 20 12.51 20.87 -2.99
C GLU F 20 12.01 20.47 -4.37
N LEU F 21 11.57 21.42 -5.17
CA LEU F 21 11.13 21.15 -6.54
C LEU F 21 12.29 21.01 -7.52
N LEU F 22 13.53 21.12 -7.04
CA LEU F 22 14.71 20.99 -7.87
C LEU F 22 15.26 19.57 -7.73
N ASP F 23 15.39 18.87 -8.86
CA ASP F 23 16.01 17.55 -8.84
C ASP F 23 17.51 17.68 -8.58
N ARG F 24 18.14 16.53 -8.34
CA ARG F 24 19.56 16.53 -7.96
C ARG F 24 20.48 17.05 -9.05
N GLU F 25 19.99 17.17 -10.29
CA GLU F 25 20.82 17.77 -11.34
C GLU F 25 20.74 19.29 -11.31
N LEU F 26 19.53 19.84 -11.17
CA LEU F 26 19.38 21.29 -11.10
C LEU F 26 20.02 21.87 -9.83
N CYS F 27 19.98 21.11 -8.73
CA CYS F 27 20.62 21.59 -7.50
C CYS F 27 22.11 21.79 -7.70
N GLN F 28 22.76 20.87 -8.40
CA GLN F 28 24.19 21.02 -8.68
C GLN F 28 24.45 22.08 -9.76
N LEU F 29 23.47 22.35 -10.62
CA LEU F 29 23.63 23.41 -11.61
C LEU F 29 23.37 24.78 -11.01
N LEU F 30 22.46 24.88 -10.05
CA LEU F 30 22.20 26.16 -9.39
C LEU F 30 23.30 26.51 -8.41
N LEU F 31 23.77 25.54 -7.63
CA LEU F 31 24.88 25.80 -6.71
C LEU F 31 26.17 26.10 -7.46
N GLU F 32 26.35 25.53 -8.64
CA GLU F 32 27.52 25.87 -9.47
C GLU F 32 27.44 27.31 -9.93
N GLY F 33 26.26 27.75 -10.38
CA GLY F 33 26.11 29.14 -10.77
C GLY F 33 26.22 30.08 -9.59
N LEU F 34 25.50 29.78 -8.50
CA LEU F 34 25.58 30.59 -7.30
C LEU F 34 26.99 30.61 -6.71
N GLU F 35 27.82 29.61 -7.03
CA GLU F 35 29.20 29.64 -6.60
C GLU F 35 29.97 30.79 -7.25
N GLY F 36 29.89 30.88 -8.59
CA GLY F 36 30.58 31.94 -9.30
C GLY F 36 29.94 33.31 -9.13
N VAL F 37 28.65 33.35 -8.76
CA VAL F 37 28.00 34.63 -8.54
C VAL F 37 28.55 35.32 -7.29
N LEU F 38 28.83 34.53 -6.25
CA LEU F 38 29.40 35.07 -5.02
C LEU F 38 30.88 35.40 -5.14
N ARG F 39 31.48 35.20 -6.31
CA ARG F 39 32.88 35.56 -6.53
C ARG F 39 33.05 36.88 -7.28
N ASP F 40 32.01 37.33 -7.99
CA ASP F 40 32.05 38.58 -8.74
C ASP F 40 30.91 39.47 -8.26
N GLN F 41 31.25 40.71 -7.89
CA GLN F 41 30.26 41.63 -7.36
C GLN F 41 29.28 42.08 -8.43
N LEU F 42 29.72 42.15 -9.69
CA LEU F 42 28.86 42.63 -10.77
C LEU F 42 27.83 41.58 -11.17
N ALA F 43 28.21 40.30 -11.15
CA ALA F 43 27.28 39.25 -11.54
C ALA F 43 26.14 39.11 -10.52
N LEU F 44 26.39 39.45 -9.26
CA LEU F 44 25.32 39.39 -8.27
C LEU F 44 24.34 40.54 -8.43
N ARG F 45 24.81 41.70 -8.87
CA ARG F 45 23.92 42.83 -9.11
C ARG F 45 23.11 42.65 -10.38
N ALA F 46 23.73 42.09 -11.43
CA ALA F 46 23.00 41.84 -12.67
C ALA F 46 21.92 40.80 -12.47
N LEU F 47 22.20 39.75 -11.70
CA LEU F 47 21.21 38.72 -11.42
C LEU F 47 20.08 39.25 -10.54
N GLU F 48 20.39 40.18 -9.63
CA GLU F 48 19.36 40.73 -8.74
C GLU F 48 18.39 41.62 -9.49
N GLU F 49 18.89 42.40 -10.46
CA GLU F 49 18.02 43.28 -11.22
C GLU F 49 17.20 42.52 -12.27
N ALA F 50 17.76 41.44 -12.82
CA ALA F 50 17.05 40.67 -13.84
C ALA F 50 15.95 39.81 -13.25
N LEU F 51 16.11 39.34 -12.02
CA LEU F 51 15.12 38.47 -11.40
C LEU F 51 13.87 39.20 -10.92
N GLU F 52 13.83 40.53 -11.03
CA GLU F 52 12.64 41.30 -10.67
C GLU F 52 12.23 41.05 -9.22
N PRO F 59 9.08 37.66 -20.67
CA PRO F 59 10.34 36.90 -20.63
C PRO F 59 11.53 37.77 -20.22
N VAL F 60 12.42 37.20 -19.43
CA VAL F 60 13.63 37.92 -19.01
C VAL F 60 14.71 37.72 -20.05
N GLU F 61 15.59 38.70 -20.17
CA GLU F 61 16.66 38.61 -21.15
C GLU F 61 17.81 37.78 -20.59
N PRO F 62 18.46 36.97 -21.43
CA PRO F 62 19.58 36.16 -20.94
C PRO F 62 20.79 37.01 -20.59
N LEU F 63 21.55 36.53 -19.61
CA LEU F 63 22.77 37.18 -19.17
C LEU F 63 23.95 36.24 -19.40
N ASP F 64 25.15 36.77 -19.26
CA ASP F 64 26.37 36.01 -19.46
C ASP F 64 27.20 36.02 -18.17
N GLY F 65 28.01 34.97 -18.01
CA GLY F 65 28.81 34.81 -16.82
C GLY F 65 28.14 33.91 -15.82
N PRO F 66 28.53 34.02 -14.54
CA PRO F 66 27.87 33.22 -13.51
C PRO F 66 26.41 33.60 -13.31
N ALA F 67 26.05 34.84 -13.58
CA ALA F 67 24.64 35.25 -13.44
C ALA F 67 23.75 34.53 -14.46
N GLY F 68 24.22 34.43 -15.71
CA GLY F 68 23.46 33.71 -16.71
C GLY F 68 23.32 32.23 -16.41
N ALA F 69 24.33 31.63 -15.78
CA ALA F 69 24.24 30.23 -15.39
C ALA F 69 23.16 30.00 -14.34
N VAL F 70 22.85 31.02 -13.54
CA VAL F 70 21.78 30.91 -12.56
C VAL F 70 20.42 31.15 -13.23
N LEU F 71 20.33 32.16 -14.09
CA LEU F 71 19.06 32.50 -14.71
C LEU F 71 18.58 31.39 -15.64
N GLU F 72 19.50 30.58 -16.18
CA GLU F 72 19.09 29.45 -17.02
C GLU F 72 18.35 28.40 -16.23
N CYS F 73 18.70 28.21 -14.96
CA CYS F 73 18.07 27.21 -14.11
C CYS F 73 16.70 27.64 -13.58
N LEU F 74 16.18 28.78 -14.03
CA LEU F 74 14.94 29.33 -13.47
C LEU F 74 13.92 29.74 -14.52
N VAL F 75 14.24 29.69 -15.80
CA VAL F 75 13.35 30.18 -16.85
C VAL F 75 12.83 28.99 -17.67
N LEU F 76 11.81 29.27 -18.47
CA LEU F 76 11.21 28.28 -19.35
C LEU F 76 11.93 28.29 -20.69
N SER F 77 11.33 27.63 -21.69
CA SER F 77 11.89 27.65 -23.04
C SER F 77 11.80 29.05 -23.64
N SER F 78 10.71 29.76 -23.37
CA SER F 78 10.54 31.13 -23.84
C SER F 78 11.32 32.14 -23.01
N GLY F 79 11.85 31.73 -21.86
CA GLY F 79 12.61 32.62 -21.01
C GLY F 79 11.83 33.26 -19.88
N MET F 80 10.57 32.92 -19.71
CA MET F 80 9.77 33.49 -18.63
C MET F 80 10.13 32.84 -17.30
N LEU F 81 10.06 33.64 -16.24
CA LEU F 81 10.39 33.15 -14.91
C LEU F 81 9.34 32.16 -14.42
N VAL F 82 9.80 31.19 -13.63
CA VAL F 82 8.93 30.21 -12.98
C VAL F 82 8.80 30.62 -11.51
N PRO F 83 7.61 31.04 -11.05
CA PRO F 83 7.48 31.49 -9.66
C PRO F 83 7.77 30.42 -8.63
N GLU F 84 7.71 29.14 -9.00
CA GLU F 84 7.99 28.07 -8.05
C GLU F 84 9.43 28.12 -7.57
N LEU F 85 10.35 28.52 -8.44
CA LEU F 85 11.77 28.55 -8.13
C LEU F 85 12.36 29.94 -8.06
N ALA F 86 11.73 30.92 -8.71
CA ALA F 86 12.26 32.28 -8.71
C ALA F 86 12.01 33.01 -7.39
N ILE F 87 10.91 32.70 -6.71
CA ILE F 87 10.58 33.34 -5.44
C ILE F 87 11.57 32.93 -4.36
N PRO F 88 11.94 31.64 -4.22
CA PRO F 88 12.97 31.30 -3.22
C PRO F 88 14.33 31.92 -3.48
N VAL F 89 14.77 31.96 -4.74
CA VAL F 89 16.11 32.47 -5.01
C VAL F 89 16.18 33.98 -4.80
N VAL F 90 15.07 34.69 -5.03
CA VAL F 90 15.04 36.11 -4.72
C VAL F 90 15.17 36.32 -3.21
N TYR F 91 14.52 35.46 -2.42
CA TYR F 91 14.67 35.53 -0.97
C TYR F 91 16.09 35.23 -0.54
N LEU F 92 16.80 34.36 -1.26
CA LEU F 92 18.20 34.08 -0.94
C LEU F 92 19.09 35.24 -1.37
N LEU F 93 18.86 35.80 -2.55
CA LEU F 93 19.65 36.94 -3.01
C LEU F 93 19.34 38.19 -2.20
N GLY F 94 18.09 38.35 -1.75
CA GLY F 94 17.75 39.43 -0.84
C GLY F 94 18.48 39.36 0.48
N ALA F 95 18.89 38.17 0.91
CA ALA F 95 19.70 38.04 2.11
C ALA F 95 21.18 38.26 1.81
N LEU F 96 21.64 37.83 0.63
CA LEU F 96 23.03 38.02 0.25
C LEU F 96 23.37 39.48 0.02
N THR F 97 22.38 40.33 -0.27
CA THR F 97 22.64 41.76 -0.43
C THR F 97 23.15 42.37 0.88
N MET F 98 22.57 41.96 2.01
CA MET F 98 22.98 42.49 3.30
C MET F 98 24.37 42.03 3.70
N LEU F 99 24.90 40.97 3.09
CA LEU F 99 26.24 40.49 3.39
C LEU F 99 27.28 41.34 2.66
N SER F 100 28.52 41.27 3.16
CA SER F 100 29.63 42.00 2.58
C SER F 100 30.27 41.18 1.46
N GLU F 101 31.29 41.74 0.84
CA GLU F 101 32.00 41.04 -0.24
C GLU F 101 32.93 39.97 0.30
N THR F 102 33.55 40.21 1.45
CA THR F 102 34.44 39.21 2.03
C THR F 102 33.66 37.98 2.48
N GLN F 103 32.43 38.17 2.97
CA GLN F 103 31.58 37.03 3.30
C GLN F 103 31.15 36.29 2.05
N HIS F 104 30.87 37.03 0.96
CA HIS F 104 30.51 36.39 -0.30
C HIS F 104 31.64 35.51 -0.83
N LYS F 105 32.89 35.94 -0.63
CA LYS F 105 34.02 35.18 -1.15
C LYS F 105 34.25 33.91 -0.35
N LEU F 106 34.09 33.97 0.97
CA LEU F 106 34.29 32.79 1.81
C LEU F 106 33.09 31.85 1.80
N LEU F 107 31.89 32.35 1.48
CA LEU F 107 30.76 31.46 1.29
C LEU F 107 30.81 30.76 -0.07
N ALA F 108 31.47 31.37 -1.05
CA ALA F 108 31.63 30.71 -2.35
C ALA F 108 32.63 29.56 -2.24
N GLU F 109 33.67 29.72 -1.44
CA GLU F 109 34.63 28.65 -1.21
C GLU F 109 34.06 27.56 -0.32
N ALA F 110 33.06 27.88 0.50
CA ALA F 110 32.38 26.84 1.28
C ALA F 110 31.49 25.98 0.41
N LEU F 111 30.90 26.57 -0.64
CA LEU F 111 30.20 25.77 -1.64
C LEU F 111 31.16 24.93 -2.45
N GLU F 112 32.39 25.41 -2.64
CA GLU F 112 33.38 24.67 -3.41
C GLU F 112 33.92 23.47 -2.64
N SER F 113 34.03 23.60 -1.32
CA SER F 113 34.55 22.53 -0.48
C SER F 113 33.45 21.70 0.19
N GLN F 114 32.19 22.07 -0.02
CA GLN F 114 31.05 21.40 0.62
C GLN F 114 31.23 21.37 2.14
N THR F 115 31.46 22.54 2.72
CA THR F 115 31.73 22.68 4.15
C THR F 115 30.85 23.76 4.76
N LEU F 116 29.55 23.74 4.41
CA LEU F 116 28.61 24.66 5.00
C LEU F 116 28.14 24.22 6.38
N LEU F 117 28.33 22.94 6.72
CA LEU F 117 27.75 22.39 7.94
C LEU F 117 28.37 22.99 9.19
N GLY F 118 29.65 23.34 9.15
CA GLY F 118 30.33 23.91 10.29
C GLY F 118 29.78 25.25 10.70
N PRO F 119 29.94 26.27 9.84
CA PRO F 119 29.41 27.60 10.16
C PRO F 119 27.90 27.66 10.24
N LEU F 120 27.17 26.66 9.73
CA LEU F 120 25.72 26.68 9.81
C LEU F 120 25.26 26.51 11.26
N GLU F 121 25.71 25.45 11.93
CA GLU F 121 25.37 25.25 13.33
C GLU F 121 26.08 26.23 14.25
N LEU F 122 27.13 26.90 13.75
CA LEU F 122 27.78 27.95 14.53
C LEU F 122 26.92 29.20 14.58
N VAL F 123 26.58 29.74 13.41
CA VAL F 123 25.71 30.91 13.35
C VAL F 123 24.33 30.58 13.90
N GLY F 124 23.83 29.37 13.61
CA GLY F 124 22.51 29.00 14.09
C GLY F 124 22.44 28.93 15.60
N SER F 125 23.52 28.48 16.25
CA SER F 125 23.54 28.44 17.70
C SER F 125 23.65 29.83 18.30
N LEU F 126 24.49 30.69 17.71
CA LEU F 126 24.68 32.04 18.23
C LEU F 126 23.43 32.89 18.13
N LEU F 127 22.51 32.57 17.21
CA LEU F 127 21.30 33.36 17.07
C LEU F 127 20.28 33.05 18.15
N GLU F 128 20.10 31.77 18.47
CA GLU F 128 19.15 31.39 19.51
C GLU F 128 19.75 31.55 20.90
N GLN F 129 21.08 31.44 21.02
CA GLN F 129 21.73 31.60 22.32
C GLN F 129 21.70 33.05 22.78
N SER F 130 21.72 34.01 21.86
CA SER F 130 21.79 35.43 22.18
C SER F 130 20.42 36.09 22.22
N ALA F 131 19.39 35.37 22.68
CA ALA F 131 18.08 35.98 22.81
C ALA F 131 17.93 36.62 24.18
N PRO F 132 17.44 37.87 24.29
CA PRO F 132 16.99 38.73 23.17
C PRO F 132 18.14 39.37 22.40
N TRP F 133 17.91 39.66 21.12
CA TRP F 133 18.97 40.15 20.24
C TRP F 133 19.27 41.63 20.46
N GLN F 134 18.30 42.41 20.93
CA GLN F 134 18.49 43.83 21.13
C GLN F 134 19.26 44.17 22.42
N GLU F 135 19.79 43.17 23.10
CA GLU F 135 20.59 43.38 24.31
C GLU F 135 21.96 42.73 24.13
N ARG F 136 22.99 43.42 24.62
CA ARG F 136 24.35 42.89 24.54
C ARG F 136 24.47 41.65 25.40
N SER F 137 25.12 40.62 24.86
CA SER F 137 25.23 39.35 25.56
C SER F 137 26.56 38.70 25.23
N THR F 138 27.33 38.38 26.27
CA THR F 138 28.53 37.58 26.10
C THR F 138 28.17 36.10 26.14
N MET F 139 28.50 35.38 25.07
CA MET F 139 28.00 34.02 24.91
C MET F 139 28.97 33.12 24.14
N SER F 140 29.99 32.60 24.82
CA SER F 140 30.93 31.69 24.19
C SER F 140 30.47 30.25 24.40
N LEU F 141 30.45 29.49 23.31
CA LEU F 141 29.93 28.13 23.29
C LEU F 141 31.07 27.12 23.24
N PRO F 142 30.80 25.84 23.52
CA PRO F 142 31.88 24.86 23.74
C PRO F 142 32.76 24.71 22.50
N PRO F 143 33.96 24.12 22.67
CA PRO F 143 34.85 23.93 21.52
C PRO F 143 34.39 22.85 20.55
N GLY F 144 33.40 22.03 20.93
CA GLY F 144 32.97 20.94 20.06
C GLY F 144 32.51 21.39 18.70
N LEU F 145 31.91 22.59 18.61
CA LEU F 145 31.49 23.11 17.31
C LEU F 145 32.69 23.47 16.46
N LEU F 146 33.69 24.15 17.04
CA LEU F 146 34.90 24.53 16.33
C LEU F 146 35.96 25.01 17.30
N GLY F 147 36.96 24.17 17.57
CA GLY F 147 37.99 24.52 18.53
C GLY F 147 39.39 24.11 18.12
N ASN F 148 39.53 23.50 16.94
CA ASN F 148 40.82 23.06 16.46
C ASN F 148 41.54 24.12 15.63
N SER F 149 40.82 25.14 15.16
CA SER F 149 41.42 26.18 14.33
C SER F 149 40.86 27.57 14.61
N TRP F 150 40.04 27.73 15.65
CA TRP F 150 39.40 29.00 15.94
C TRP F 150 40.43 30.09 16.24
N GLY F 151 40.53 31.08 15.36
CA GLY F 151 41.48 32.16 15.55
C GLY F 151 41.31 33.19 14.45
N GLU F 152 42.00 34.32 14.63
CA GLU F 152 41.95 35.40 13.66
C GLU F 152 42.46 34.92 12.31
N GLY F 153 41.59 35.01 11.29
CA GLY F 153 41.91 34.55 9.96
C GLY F 153 41.19 33.29 9.55
N ALA F 154 40.57 32.58 10.49
CA ALA F 154 39.84 31.37 10.17
C ALA F 154 38.55 31.70 9.41
N PRO F 155 38.03 30.75 8.63
CA PRO F 155 36.78 31.01 7.90
C PRO F 155 35.61 31.37 8.81
N ALA F 156 35.48 30.69 9.95
CA ALA F 156 34.39 31.00 10.87
C ALA F 156 34.62 32.33 11.58
N TRP F 157 35.88 32.71 11.77
CA TRP F 157 36.18 33.98 12.44
C TRP F 157 35.76 35.16 11.57
N VAL F 158 36.20 35.18 10.31
CA VAL F 158 35.90 36.30 9.43
C VAL F 158 34.41 36.34 9.11
N LEU F 159 33.75 35.18 9.05
CA LEU F 159 32.31 35.16 8.77
C LEU F 159 31.51 35.84 9.88
N LEU F 160 32.01 35.82 11.10
CA LEU F 160 31.33 36.46 12.22
C LEU F 160 31.86 37.86 12.50
N ASP F 161 33.13 38.11 12.19
CA ASP F 161 33.72 39.42 12.49
C ASP F 161 33.13 40.52 11.60
N GLU F 162 32.85 40.20 10.34
CA GLU F 162 32.26 41.18 9.43
C GLU F 162 30.74 41.27 9.58
N CYS F 163 30.15 40.58 10.54
CA CYS F 163 28.74 40.75 10.87
C CYS F 163 28.50 41.85 11.89
N GLY F 164 29.53 42.22 12.66
CA GLY F 164 29.40 43.20 13.72
C GLY F 164 29.74 42.66 15.10
N LEU F 165 30.11 41.39 15.24
CA LEU F 165 30.44 40.82 16.53
C LEU F 165 31.91 41.07 16.87
N GLU F 166 32.20 41.09 18.16
CA GLU F 166 33.56 41.20 18.65
C GLU F 166 34.05 39.82 19.07
N LEU F 167 35.13 39.36 18.44
CA LEU F 167 35.65 38.03 18.69
C LEU F 167 36.95 38.09 19.48
N GLY F 168 37.25 36.99 20.16
CA GLY F 168 38.43 36.89 20.98
C GLY F 168 39.16 35.58 20.75
N GLU F 169 40.46 35.61 21.04
CA GLU F 169 41.28 34.42 20.85
C GLU F 169 40.94 33.34 21.88
N ASP F 170 40.53 33.75 23.11
CA ASP F 170 40.22 32.81 24.22
C ASP F 170 38.98 33.19 25.03
N THR F 171 38.47 32.23 25.83
CA THR F 171 37.33 32.31 26.81
C THR F 171 36.02 32.81 26.20
N PRO F 172 35.54 34.06 26.37
CA PRO F 172 34.29 34.49 25.73
C PRO F 172 34.61 34.83 24.28
N HIS F 173 34.71 33.80 23.44
CA HIS F 173 35.19 33.96 22.05
C HIS F 173 34.27 34.91 21.32
N VAL F 174 33.00 34.73 21.54
CA VAL F 174 32.02 35.54 20.84
C VAL F 174 31.16 36.27 21.86
N CYS F 175 30.91 37.55 21.61
CA CYS F 175 30.00 38.36 22.42
C CYS F 175 29.03 39.08 21.49
N TRP F 176 27.74 39.00 21.81
CA TRP F 176 26.70 39.52 20.93
C TRP F 176 26.65 41.05 20.99
N GLU F 177 26.26 41.64 19.85
CA GLU F 177 26.04 43.07 19.75
C GLU F 177 24.75 43.27 18.96
N PRO F 178 23.83 44.12 19.45
CA PRO F 178 22.48 44.17 18.86
C PRO F 178 22.44 44.61 17.40
N GLN F 179 23.38 45.45 16.97
CA GLN F 179 23.35 45.92 15.59
C GLN F 179 23.85 44.88 14.58
N ALA F 180 24.37 43.76 15.05
CA ALA F 180 24.74 42.64 14.19
C ALA F 180 23.57 41.73 13.87
N GLN F 181 22.35 42.12 14.26
CA GLN F 181 21.20 41.24 14.11
C GLN F 181 20.79 41.10 12.65
N GLY F 182 20.87 42.19 11.88
CA GLY F 182 20.45 42.12 10.48
C GLY F 182 21.37 41.26 9.62
N ARG F 183 22.67 41.32 9.90
CA ARG F 183 23.62 40.56 9.10
C ARG F 183 23.70 39.10 9.51
N MET F 184 23.55 38.82 10.81
CA MET F 184 23.63 37.44 11.28
C MET F 184 22.45 36.61 10.82
N CYS F 185 21.25 37.20 10.83
CA CYS F 185 20.07 36.47 10.35
C CYS F 185 20.17 36.20 8.85
N ALA F 186 20.73 37.14 8.09
CA ALA F 186 20.92 36.92 6.66
C ALA F 186 22.00 35.87 6.42
N LEU F 187 23.06 35.88 7.23
CA LEU F 187 24.11 34.87 7.08
C LEU F 187 23.58 33.48 7.34
N TYR F 188 22.74 33.32 8.37
CA TYR F 188 22.08 32.03 8.60
C TYR F 188 21.14 31.70 7.46
N ALA F 189 20.45 32.70 6.92
CA ALA F 189 19.55 32.48 5.79
C ALA F 189 20.31 32.04 4.55
N SER F 190 21.53 32.54 4.36
CA SER F 190 22.32 32.12 3.21
C SER F 190 22.92 30.74 3.42
N LEU F 191 23.34 30.43 4.65
CA LEU F 191 23.91 29.12 4.92
C LEU F 191 22.84 28.02 4.91
N ALA F 192 21.66 28.31 5.46
CA ALA F 192 20.62 27.29 5.52
C ALA F 192 20.04 26.99 4.15
N LEU F 193 19.86 28.01 3.32
CA LEU F 193 19.28 27.78 1.99
C LEU F 193 20.29 27.11 1.07
N LEU F 194 21.56 27.51 1.13
CA LEU F 194 22.58 26.85 0.31
C LEU F 194 22.80 25.42 0.74
N SER F 195 22.65 25.12 2.03
CA SER F 195 22.72 23.73 2.49
C SER F 195 21.47 22.96 2.10
N GLY F 196 20.32 23.64 2.01
CA GLY F 196 19.11 22.98 1.55
C GLY F 196 19.18 22.59 0.08
N LEU F 197 19.95 23.35 -0.71
CA LEU F 197 20.17 22.99 -2.11
C LEU F 197 21.23 21.92 -2.28
N SER F 198 22.10 21.74 -1.28
CA SER F 198 23.15 20.74 -1.36
C SER F 198 22.64 19.37 -0.91
#